data_8IVN
#
_entry.id   8IVN
#
_cell.length_a   51.230
_cell.length_b   139.730
_cell.length_c   58.150
_cell.angle_alpha   90.000
_cell.angle_beta   101.420
_cell.angle_gamma   90.000
#
_symmetry.space_group_name_H-M   'P 1 21 1'
#
loop_
_entity.id
_entity.type
_entity.pdbx_description
1 polymer 'Alpha/beta fold hydrolase'
2 non-polymer 'METHYL 2-[({[(4-METHOXY-6-METHYL-1,3,5-TRIAZIN-2-YL)AMINO]CARBONYL}AMINO)SULFONYL]BENZOATE'
3 non-polymer 'L(+)-TARTARIC ACID'
4 non-polymer GLYCEROL
5 water water
#
_entity_poly.entity_id   1
_entity_poly.type   'polypeptide(L)'
_entity_poly.pdbx_seq_one_letter_code
;METDNVELAQSKRKVVLAEQGSFYIGGRTVTGPGKFDPSKPVIPYSNEGATFYINQMYVNFQAPVRPRGLPLVFWHGGGL
TGHIWESTPDGRPGFQTLFVQDRHTVYTIDQPGRGRGNIPTFNGPFGQLEEESIVNTVTGNSSKEGAWVRDRLGPAPGQF
FENSQFPRGYEDNYFKEMGFSPSISSDEIVDAVVKLVTHIGPCVLVTHAASGVLGMRVATHAKNVRGIVAYEPATSIFPK
GKVPEIPPLADKKSQIFPPFEIQESYFKKLAKIPIQFVFGDNIPKNPKSAYWFLDWWRVTRYAHSLSLEAINKLGGQASL
LDLPTAGLRGNTAFPFTDRNNVQVASLLSDFLGKHGLDQNESLEHHHHHH
;
_entity_poly.pdbx_strand_id   A,B
#
loop_
_chem_comp.id
_chem_comp.type
_chem_comp.name
_chem_comp.formula
1MM non-polymer 'METHYL 2-[({[(4-METHOXY-6-METHYL-1,3,5-TRIAZIN-2-YL)AMINO]CARBONYL}AMINO)SULFONYL]BENZOATE' 'C14 H15 N5 O6 S'
GOL non-polymer GLYCEROL 'C3 H8 O3'
TLA non-polymer 'L(+)-TARTARIC ACID' 'C4 H6 O6'
#
# COMPACT_ATOMS: atom_id res chain seq x y z
N LYS A 12 -16.86 -18.26 9.08
CA LYS A 12 -16.86 -17.33 7.97
C LYS A 12 -15.55 -16.61 7.86
N ARG A 13 -14.75 -16.65 8.89
CA ARG A 13 -13.56 -15.87 8.79
C ARG A 13 -12.33 -16.69 8.43
N LYS A 14 -12.42 -17.99 8.61
CA LYS A 14 -11.28 -18.85 8.37
C LYS A 14 -10.86 -19.04 6.96
N VAL A 15 -9.55 -19.07 6.75
CA VAL A 15 -9.00 -19.29 5.47
C VAL A 15 -7.75 -20.19 5.51
N VAL A 16 -7.72 -21.15 4.63
CA VAL A 16 -6.58 -22.07 4.54
C VAL A 16 -5.86 -21.78 3.24
N LEU A 17 -4.60 -21.35 3.34
CA LEU A 17 -3.83 -20.91 2.18
C LEU A 17 -2.73 -21.92 1.88
N ALA A 18 -2.71 -22.43 0.65
CA ALA A 18 -1.56 -23.21 0.21
C ALA A 18 -0.31 -22.34 0.15
N GLU A 19 -0.46 -21.07 -0.19
CA GLU A 19 0.63 -20.12 -0.21
C GLU A 19 0.05 -18.71 -0.28
N GLN A 20 0.86 -17.75 0.14
CA GLN A 20 0.53 -16.34 -0.02
C GLN A 20 1.82 -15.57 -0.20
N GLY A 21 1.69 -14.37 -0.74
CA GLY A 21 2.85 -13.51 -0.85
C GLY A 21 2.54 -12.28 -1.69
N SER A 22 3.59 -11.52 -1.97
CA SER A 22 3.43 -10.34 -2.80
C SER A 22 4.72 -10.10 -3.55
N PHE A 23 4.63 -9.26 -4.58
CA PHE A 23 5.78 -9.00 -5.44
C PHE A 23 5.49 -7.73 -6.23
N TYR A 24 6.56 -7.19 -6.81
CA TYR A 24 6.48 -6.05 -7.72
C TYR A 24 6.68 -6.51 -9.16
N ILE A 25 5.98 -5.84 -10.07
CA ILE A 25 6.06 -6.17 -11.49
C ILE A 25 5.81 -4.91 -12.30
N GLY A 26 6.42 -4.86 -13.49
CA GLY A 26 6.25 -3.73 -14.39
C GLY A 26 7.11 -2.55 -13.99
N GLY A 27 6.91 -1.45 -14.71
CA GLY A 27 7.66 -0.24 -14.47
C GLY A 27 8.84 -0.10 -15.40
N ARG A 28 9.57 1.00 -15.22
CA ARG A 28 10.78 1.29 -15.98
C ARG A 28 11.76 1.99 -15.05
N THR A 29 12.85 2.52 -15.62
CA THR A 29 13.80 3.31 -14.84
C THR A 29 14.02 4.66 -15.51
N VAL A 30 14.37 5.65 -14.69
CA VAL A 30 14.88 6.93 -15.17
C VAL A 30 16.16 7.24 -14.41
N THR A 31 16.99 8.10 -14.99
CA THR A 31 18.33 8.33 -14.45
C THR A 31 18.60 9.81 -14.28
N GLY A 32 19.27 10.16 -13.18
CA GLY A 32 19.75 11.50 -12.99
C GLY A 32 21.06 11.72 -13.72
N PRO A 33 21.57 12.94 -13.64
CA PRO A 33 22.85 13.26 -14.27
C PRO A 33 24.03 12.88 -13.38
N GLY A 34 25.20 12.80 -14.00
CA GLY A 34 26.42 12.55 -13.27
C GLY A 34 26.58 11.11 -12.84
N LYS A 35 27.49 10.90 -11.89
CA LYS A 35 27.82 9.56 -11.41
C LYS A 35 27.79 9.53 -9.89
N PHE A 36 27.74 8.32 -9.37
CA PHE A 36 27.60 8.07 -7.94
C PHE A 36 28.97 7.76 -7.35
N ASP A 37 29.32 8.46 -6.28
CA ASP A 37 30.58 8.27 -5.57
C ASP A 37 30.29 7.77 -4.17
N PRO A 38 30.59 6.51 -3.84
CA PRO A 38 30.26 5.99 -2.49
C PRO A 38 31.03 6.64 -1.36
N SER A 39 32.11 7.38 -1.64
CA SER A 39 32.83 8.07 -0.57
C SER A 39 32.16 9.37 -0.15
N LYS A 40 31.27 9.89 -0.97
CA LYS A 40 30.60 11.16 -0.68
C LYS A 40 29.34 10.93 0.14
N PRO A 41 28.92 11.91 0.92
CA PRO A 41 27.75 11.71 1.79
C PRO A 41 26.53 11.31 0.97
N VAL A 42 25.91 10.19 1.37
CA VAL A 42 24.77 9.64 0.62
C VAL A 42 23.46 10.30 1.05
N ILE A 43 23.45 10.91 2.22
CA ILE A 43 22.28 11.60 2.75
C ILE A 43 22.71 13.02 3.09
N PRO A 44 21.96 14.06 2.70
CA PRO A 44 20.68 14.03 1.98
C PRO A 44 20.77 13.40 0.60
N TYR A 45 19.72 12.67 0.21
CA TYR A 45 19.73 11.96 -1.05
C TYR A 45 19.83 12.91 -2.23
N SER A 46 20.48 12.45 -3.28
CA SER A 46 20.78 13.24 -4.45
C SER A 46 20.33 12.50 -5.70
N ASN A 47 20.00 13.27 -6.75
CA ASN A 47 19.76 12.70 -8.07
C ASN A 47 21.04 12.37 -8.80
N GLU A 48 22.20 12.78 -8.27
CA GLU A 48 23.45 12.61 -9.02
C GLU A 48 23.83 11.13 -9.08
N GLY A 49 24.05 10.63 -10.30
CA GLY A 49 24.34 9.23 -10.49
C GLY A 49 23.20 8.29 -10.18
N ALA A 50 21.97 8.82 -10.14
CA ALA A 50 20.84 8.06 -9.64
C ALA A 50 20.14 7.25 -10.72
N THR A 51 19.81 6.00 -10.38
CA THR A 51 18.80 5.22 -11.08
C THR A 51 17.56 5.15 -10.20
N PHE A 52 16.40 5.47 -10.77
CA PHE A 52 15.13 5.39 -10.05
C PHE A 52 14.21 4.41 -10.77
N TYR A 53 13.67 3.44 -10.02
CA TYR A 53 12.62 2.58 -10.55
C TYR A 53 11.28 3.30 -10.41
N ILE A 54 10.54 3.45 -11.51
CA ILE A 54 9.27 4.17 -11.47
C ILE A 54 8.16 3.37 -12.12
N ASN A 55 6.94 3.63 -11.66
CA ASN A 55 5.69 3.16 -12.25
C ASN A 55 5.50 1.65 -12.16
N GLN A 56 6.21 1.00 -11.24
CA GLN A 56 5.96 -0.41 -10.94
C GLN A 56 4.69 -0.59 -10.12
N MET A 57 4.18 -1.81 -10.14
CA MET A 57 2.92 -2.18 -9.52
C MET A 57 3.15 -3.21 -8.41
N TYR A 58 2.40 -3.09 -7.32
CA TYR A 58 2.39 -4.07 -6.24
C TYR A 58 1.30 -5.11 -6.47
N VAL A 59 1.64 -6.37 -6.23
CA VAL A 59 0.70 -7.49 -6.42
C VAL A 59 0.75 -8.38 -5.20
N ASN A 60 -0.43 -8.69 -4.64
CA ASN A 60 -0.59 -9.65 -3.56
C ASN A 60 -1.36 -10.86 -4.09
N PHE A 61 -1.00 -12.06 -3.61
CA PHE A 61 -1.75 -13.25 -3.98
C PHE A 61 -2.01 -14.13 -2.77
N GLN A 62 -3.16 -14.81 -2.79
CA GLN A 62 -3.51 -15.83 -1.81
C GLN A 62 -4.08 -17.00 -2.57
N ALA A 63 -3.51 -18.19 -2.37
CA ALA A 63 -3.90 -19.37 -3.11
C ALA A 63 -4.50 -20.41 -2.17
N PRO A 64 -5.67 -20.95 -2.47
CA PRO A 64 -6.25 -22.00 -1.62
C PRO A 64 -5.59 -23.35 -1.89
N VAL A 65 -5.89 -24.29 -1.00
CA VAL A 65 -5.64 -25.70 -1.29
C VAL A 65 -6.63 -26.18 -2.34
N ARG A 66 -6.15 -26.94 -3.32
CA ARG A 66 -6.95 -27.47 -4.42
C ARG A 66 -7.73 -26.33 -5.09
N PRO A 67 -7.07 -25.42 -5.79
CA PRO A 67 -7.80 -24.34 -6.47
C PRO A 67 -8.62 -24.91 -7.60
N ARG A 68 -9.75 -24.26 -7.87
CA ARG A 68 -10.56 -24.63 -9.02
C ARG A 68 -10.76 -23.41 -9.90
N GLY A 69 -10.82 -23.65 -11.21
CA GLY A 69 -11.06 -22.53 -12.10
C GLY A 69 -9.90 -21.57 -12.19
N LEU A 70 -10.18 -20.41 -12.74
CA LEU A 70 -9.13 -19.47 -13.07
C LEU A 70 -8.85 -18.52 -11.91
N PRO A 71 -7.63 -18.05 -11.80
CA PRO A 71 -7.35 -17.02 -10.79
C PRO A 71 -8.10 -15.74 -11.09
N LEU A 72 -8.49 -15.03 -10.03
CA LEU A 72 -9.18 -13.75 -10.13
C LEU A 72 -8.20 -12.64 -9.81
N VAL A 73 -8.22 -11.58 -10.62
CA VAL A 73 -7.39 -10.40 -10.38
C VAL A 73 -8.34 -9.25 -10.04
N PHE A 74 -8.32 -8.82 -8.77
CA PHE A 74 -9.18 -7.73 -8.31
C PHE A 74 -8.43 -6.40 -8.44
N TRP A 75 -9.06 -5.44 -9.14
CA TRP A 75 -8.44 -4.18 -9.52
C TRP A 75 -9.27 -3.02 -8.96
N HIS A 76 -8.72 -2.35 -7.96
CA HIS A 76 -9.39 -1.26 -7.26
C HIS A 76 -9.74 -0.10 -8.18
N GLY A 77 -10.73 0.69 -7.75
CA GLY A 77 -11.13 1.89 -8.45
C GLY A 77 -10.22 3.07 -8.17
N GLY A 78 -10.69 4.24 -8.60
CA GLY A 78 -9.84 5.42 -8.59
C GLY A 78 -9.55 5.89 -7.19
N GLY A 79 -8.27 6.13 -6.92
CA GLY A 79 -7.87 6.63 -5.62
C GLY A 79 -7.91 5.61 -4.52
N LEU A 80 -7.95 4.32 -4.86
CA LEU A 80 -8.12 3.25 -3.87
C LEU A 80 -6.90 2.32 -3.91
N THR A 81 -6.99 1.23 -3.15
CA THR A 81 -5.94 0.21 -3.09
C THR A 81 -6.62 -1.15 -2.93
N GLY A 82 -5.80 -2.21 -2.91
CA GLY A 82 -6.34 -3.54 -2.67
C GLY A 82 -7.01 -3.71 -1.31
N HIS A 83 -6.87 -2.75 -0.40
CA HIS A 83 -7.63 -2.82 0.86
C HIS A 83 -9.12 -3.07 0.63
N ILE A 84 -9.70 -2.49 -0.43
CA ILE A 84 -11.15 -2.58 -0.59
C ILE A 84 -11.59 -4.00 -0.89
N TRP A 85 -10.68 -4.87 -1.33
CA TRP A 85 -10.99 -6.27 -1.51
C TRP A 85 -10.67 -7.11 -0.27
N GLU A 86 -9.93 -6.55 0.69
CA GLU A 86 -9.52 -7.29 1.89
C GLU A 86 -10.61 -7.29 2.95
N SER A 87 -11.17 -6.11 3.23
CA SER A 87 -12.12 -5.91 4.31
C SER A 87 -13.04 -4.78 3.93
N THR A 88 -14.23 -4.80 4.52
CA THR A 88 -15.16 -3.68 4.41
C THR A 88 -14.78 -2.64 5.45
N PRO A 89 -15.34 -1.43 5.37
CA PRO A 89 -14.97 -0.39 6.34
C PRO A 89 -15.31 -0.76 7.77
N ASP A 90 -16.35 -1.56 7.96
CA ASP A 90 -16.74 -2.06 9.28
C ASP A 90 -16.12 -3.41 9.61
N GLY A 91 -15.13 -3.86 8.84
CA GLY A 91 -14.33 -4.98 9.26
C GLY A 91 -14.83 -6.36 8.88
N ARG A 92 -15.83 -6.45 8.02
CA ARG A 92 -16.29 -7.74 7.51
C ARG A 92 -15.37 -8.21 6.38
N PRO A 93 -15.33 -9.52 6.13
CA PRO A 93 -14.45 -10.03 5.07
C PRO A 93 -14.76 -9.42 3.71
N GLY A 94 -13.70 -9.09 2.98
CA GLY A 94 -13.81 -8.65 1.61
C GLY A 94 -13.79 -9.80 0.62
N PHE A 95 -13.87 -9.44 -0.67
CA PHE A 95 -13.94 -10.44 -1.72
C PHE A 95 -12.69 -11.33 -1.77
N GLN A 96 -11.54 -10.83 -1.30
CA GLN A 96 -10.33 -11.68 -1.25
C GLN A 96 -10.60 -12.94 -0.43
N THR A 97 -11.05 -12.75 0.81
CA THR A 97 -11.38 -13.89 1.66
C THR A 97 -12.51 -14.72 1.07
N LEU A 98 -13.58 -14.07 0.60
CA LEU A 98 -14.74 -14.81 0.14
C LEU A 98 -14.40 -15.72 -1.03
N PHE A 99 -13.52 -15.27 -1.93
CA PHE A 99 -13.24 -16.08 -3.11
C PHE A 99 -12.07 -17.05 -2.93
N VAL A 100 -11.18 -16.82 -1.98
CA VAL A 100 -10.28 -17.91 -1.57
C VAL A 100 -11.09 -19.03 -0.93
N GLN A 101 -12.07 -18.68 -0.10
CA GLN A 101 -12.98 -19.68 0.45
C GLN A 101 -13.77 -20.40 -0.65
N ASP A 102 -14.04 -19.71 -1.76
CA ASP A 102 -14.68 -20.28 -2.95
C ASP A 102 -13.69 -21.03 -3.83
N ARG A 103 -12.47 -21.23 -3.33
CA ARG A 103 -11.45 -22.09 -3.94
C ARG A 103 -10.85 -21.47 -5.21
N HIS A 104 -10.83 -20.14 -5.31
CA HIS A 104 -10.08 -19.44 -6.35
C HIS A 104 -8.81 -18.86 -5.76
N THR A 105 -7.73 -18.93 -6.54
CA THR A 105 -6.56 -18.11 -6.27
C THR A 105 -6.93 -16.65 -6.52
N VAL A 106 -6.55 -15.77 -5.60
CA VAL A 106 -6.96 -14.38 -5.65
C VAL A 106 -5.74 -13.49 -5.68
N TYR A 107 -5.63 -12.67 -6.72
CA TYR A 107 -4.65 -11.61 -6.83
C TYR A 107 -5.32 -10.28 -6.53
N THR A 108 -4.67 -9.45 -5.73
CA THR A 108 -5.08 -8.08 -5.55
C THR A 108 -3.89 -7.17 -5.85
N ILE A 109 -4.14 -6.06 -6.53
CA ILE A 109 -3.07 -5.16 -6.96
C ILE A 109 -3.24 -3.80 -6.33
N ASP A 110 -2.11 -3.10 -6.17
CA ASP A 110 -2.08 -1.65 -5.99
C ASP A 110 -1.43 -1.13 -7.27
N GLN A 111 -2.23 -0.50 -8.14
CA GLN A 111 -1.72 -0.13 -9.45
C GLN A 111 -0.62 0.94 -9.32
N PRO A 112 0.19 1.13 -10.36
CA PRO A 112 1.19 2.21 -10.30
C PRO A 112 0.55 3.53 -9.90
N GLY A 113 1.17 4.22 -8.95
CA GLY A 113 0.68 5.50 -8.45
C GLY A 113 -0.26 5.43 -7.27
N ARG A 114 -0.59 4.24 -6.79
CA ARG A 114 -1.54 4.05 -5.70
C ARG A 114 -1.01 3.05 -4.69
N GLY A 115 -1.18 3.38 -3.41
CA GLY A 115 -0.84 2.44 -2.36
C GLY A 115 0.60 1.99 -2.46
N ARG A 116 0.80 0.68 -2.47
CA ARG A 116 2.16 0.15 -2.53
C ARG A 116 2.76 0.19 -3.93
N GLY A 117 1.97 0.55 -4.94
CA GLY A 117 2.55 0.88 -6.25
C GLY A 117 3.45 2.10 -6.15
N ASN A 118 4.24 2.34 -7.19
CA ASN A 118 5.21 3.42 -7.13
C ASN A 118 4.55 4.78 -7.34
N ILE A 119 5.00 5.76 -6.55
CA ILE A 119 4.71 7.17 -6.79
C ILE A 119 6.00 7.82 -7.29
N PRO A 120 6.08 8.19 -8.57
CA PRO A 120 7.37 8.61 -9.14
C PRO A 120 7.77 10.03 -8.78
N THR A 121 8.58 10.16 -7.74
CA THR A 121 9.12 11.45 -7.35
C THR A 121 10.55 11.27 -6.84
N PHE A 122 11.28 12.38 -6.77
CA PHE A 122 12.74 12.31 -6.67
C PHE A 122 13.24 13.34 -5.67
N ASN A 123 14.41 13.92 -5.92
CA ASN A 123 14.91 15.01 -5.08
C ASN A 123 14.64 16.31 -5.81
N GLY A 124 13.57 16.99 -5.42
CA GLY A 124 13.12 18.18 -6.08
C GLY A 124 11.62 18.31 -5.97
N PRO A 125 11.04 19.32 -6.62
CA PRO A 125 9.58 19.47 -6.58
C PRO A 125 8.89 18.19 -7.02
N PHE A 126 7.73 17.90 -6.43
CA PHE A 126 7.07 16.62 -6.63
C PHE A 126 6.98 16.24 -8.11
N GLY A 127 7.45 15.04 -8.43
CA GLY A 127 7.33 14.51 -9.77
C GLY A 127 8.40 14.96 -10.75
N GLN A 128 9.31 15.83 -10.35
CA GLN A 128 10.27 16.43 -11.26
C GLN A 128 11.64 15.79 -11.07
N LEU A 129 12.23 15.32 -12.17
CA LEU A 129 13.58 14.81 -12.18
C LEU A 129 14.43 15.79 -12.99
N GLU A 130 15.15 16.67 -12.30
CA GLU A 130 15.90 17.76 -12.94
C GLU A 130 14.90 18.56 -13.76
N GLU A 131 15.09 18.75 -15.07
CA GLU A 131 14.10 19.51 -15.84
C GLU A 131 13.05 18.64 -16.51
N GLU A 132 12.97 17.34 -16.20
CA GLU A 132 11.95 16.47 -16.78
C GLU A 132 10.79 16.33 -15.81
N SER A 133 9.59 16.56 -16.29
CA SER A 133 8.38 16.38 -15.48
C SER A 133 7.90 14.94 -15.70
N ILE A 134 8.11 14.08 -14.69
CA ILE A 134 7.67 12.70 -14.82
C ILE A 134 6.18 12.57 -14.50
N VAL A 135 5.73 13.23 -13.43
CA VAL A 135 4.32 13.46 -13.16
C VAL A 135 4.18 14.92 -12.71
N ASN A 136 2.95 15.42 -12.76
CA ASN A 136 2.70 16.82 -12.46
C ASN A 136 2.90 17.13 -10.97
N THR A 137 3.46 18.31 -10.69
CA THR A 137 3.59 18.78 -9.31
C THR A 137 2.22 19.16 -8.72
N VAL A 138 1.29 19.65 -9.54
CA VAL A 138 -0.04 19.99 -9.06
C VAL A 138 -0.88 18.71 -9.06
N THR A 139 -1.45 18.39 -7.89
CA THR A 139 -2.27 17.19 -7.75
C THR A 139 -3.75 17.54 -7.74
N GLY A 140 -4.57 16.50 -7.88
CA GLY A 140 -5.99 16.60 -7.62
C GLY A 140 -6.40 15.47 -6.70
N ASN A 141 -7.48 15.71 -5.95
CA ASN A 141 -7.92 14.72 -4.97
C ASN A 141 -9.34 15.04 -4.54
N SER A 142 -10.19 14.02 -4.48
CA SER A 142 -11.56 14.21 -4.03
C SER A 142 -11.62 14.55 -2.55
N SER A 143 -12.60 15.35 -2.18
CA SER A 143 -12.93 15.52 -0.78
C SER A 143 -13.85 14.40 -0.31
N LYS A 144 -14.05 14.36 1.01
CA LYS A 144 -15.07 13.50 1.58
C LYS A 144 -16.43 13.78 0.95
N GLU A 145 -16.75 15.06 0.77
CA GLU A 145 -18.03 15.46 0.20
C GLU A 145 -18.17 14.99 -1.24
N GLY A 146 -17.12 15.16 -2.04
CA GLY A 146 -17.19 14.70 -3.42
C GLY A 146 -17.33 13.19 -3.50
N ALA A 147 -16.62 12.47 -2.63
CA ALA A 147 -16.68 11.01 -2.67
C ALA A 147 -18.03 10.51 -2.18
N TRP A 148 -18.63 11.20 -1.21
CA TRP A 148 -19.95 10.82 -0.71
C TRP A 148 -20.96 10.75 -1.86
N VAL A 149 -21.01 11.80 -2.69
CA VAL A 149 -22.01 11.81 -3.75
C VAL A 149 -21.56 10.97 -4.95
N ARG A 150 -20.25 10.94 -5.23
CA ARG A 150 -19.71 10.04 -6.26
C ARG A 150 -20.12 8.59 -6.01
N ASP A 151 -20.04 8.13 -4.77
CA ASP A 151 -20.29 6.73 -4.48
C ASP A 151 -21.76 6.46 -4.17
N ARG A 152 -22.61 7.50 -4.24
CA ARG A 152 -24.05 7.40 -4.06
C ARG A 152 -24.42 6.82 -2.69
N LEU A 153 -23.67 7.23 -1.66
CA LEU A 153 -24.17 6.98 -0.31
C LEU A 153 -25.50 7.66 -0.10
N GLY A 154 -25.67 8.85 -0.68
CA GLY A 154 -26.90 9.61 -0.66
C GLY A 154 -26.76 10.77 -1.61
N PRO A 155 -27.77 11.64 -1.67
CA PRO A 155 -27.74 12.73 -2.65
C PRO A 155 -26.86 13.90 -2.27
N ALA A 156 -26.54 14.06 -0.99
CA ALA A 156 -25.72 15.15 -0.49
C ALA A 156 -24.88 14.62 0.67
N PRO A 157 -23.74 15.25 0.95
CA PRO A 157 -22.88 14.77 2.04
C PRO A 157 -23.63 14.69 3.36
N GLY A 158 -23.37 13.63 4.10
CA GLY A 158 -24.02 13.40 5.38
C GLY A 158 -25.42 12.80 5.29
N GLN A 159 -26.00 12.70 4.10
CA GLN A 159 -27.34 12.14 3.93
C GLN A 159 -27.26 10.78 3.25
N PHE A 160 -27.96 9.80 3.80
CA PHE A 160 -28.05 8.48 3.20
C PHE A 160 -29.38 8.29 2.51
N PHE A 161 -29.36 7.60 1.37
CA PHE A 161 -30.60 7.04 0.84
C PHE A 161 -31.20 6.11 1.89
N GLU A 162 -32.55 6.11 1.99
CA GLU A 162 -33.23 5.27 2.98
C GLU A 162 -32.83 3.81 2.86
N ASN A 163 -32.63 3.32 1.63
CA ASN A 163 -32.39 1.91 1.40
C ASN A 163 -30.92 1.54 1.44
N SER A 164 -30.05 2.47 1.86
CA SER A 164 -28.61 2.29 1.67
C SER A 164 -28.09 1.00 2.30
N GLN A 165 -27.21 0.33 1.56
CA GLN A 165 -26.42 -0.78 2.07
C GLN A 165 -25.07 -0.35 2.62
N PHE A 166 -24.79 0.94 2.68
CA PHE A 166 -23.51 1.38 3.22
C PHE A 166 -23.40 1.00 4.69
N PRO A 167 -22.21 0.59 5.17
CA PRO A 167 -22.01 0.36 6.61
C PRO A 167 -21.94 1.66 7.42
N ARG A 168 -23.12 2.19 7.73
CA ARG A 168 -23.22 3.42 8.50
C ARG A 168 -22.45 3.32 9.81
N GLY A 169 -21.92 4.46 10.24
CA GLY A 169 -21.10 4.51 11.44
C GLY A 169 -19.62 4.31 11.17
N TYR A 170 -19.27 3.85 9.97
CA TYR A 170 -17.88 3.60 9.61
C TYR A 170 -17.45 4.52 8.46
N GLU A 171 -18.08 5.66 8.39
CA GLU A 171 -17.73 6.64 7.38
C GLU A 171 -16.26 7.04 7.41
N ASP A 172 -15.73 7.33 8.60
CA ASP A 172 -14.34 7.73 8.66
C ASP A 172 -13.41 6.65 8.10
N ASN A 173 -13.64 5.40 8.48
CA ASN A 173 -12.84 4.30 8.02
C ASN A 173 -12.85 4.22 6.49
N TYR A 174 -14.03 4.39 5.92
CA TYR A 174 -14.20 4.32 4.50
C TYR A 174 -13.44 5.42 3.75
N PHE A 175 -13.67 6.64 4.17
CA PHE A 175 -13.04 7.74 3.46
C PHE A 175 -11.52 7.75 3.64
N LYS A 176 -11.07 7.18 4.74
CA LYS A 176 -9.63 7.10 4.97
C LYS A 176 -8.87 6.24 3.95
N GLU A 177 -9.60 5.39 3.26
CA GLU A 177 -8.97 4.49 2.31
C GLU A 177 -8.70 5.17 0.94
N MET A 178 -9.14 6.39 0.79
CA MET A 178 -9.09 7.07 -0.50
C MET A 178 -7.98 8.11 -0.53
N GLY A 179 -7.40 8.32 -1.73
CA GLY A 179 -6.36 9.30 -1.86
C GLY A 179 -6.12 9.71 -3.30
N PHE A 180 -5.08 10.52 -3.49
CA PHE A 180 -4.78 11.07 -4.81
C PHE A 180 -4.07 10.05 -5.69
N SER A 181 -4.07 10.34 -6.99
CA SER A 181 -3.25 9.59 -7.94
C SER A 181 -2.39 10.58 -8.72
N PRO A 182 -1.08 10.36 -8.80
CA PRO A 182 -0.25 11.19 -9.66
C PRO A 182 -0.58 10.92 -11.13
N SER A 183 -0.11 11.81 -12.00
CA SER A 183 -0.48 11.79 -13.41
C SER A 183 0.28 10.76 -14.24
N ILE A 184 0.44 9.54 -13.73
CA ILE A 184 1.01 8.46 -14.53
C ILE A 184 0.09 8.19 -15.71
N SER A 185 0.68 8.02 -16.90
CA SER A 185 -0.13 7.77 -18.08
C SER A 185 -0.92 6.48 -17.93
N SER A 186 -2.17 6.49 -18.42
CA SER A 186 -2.96 5.27 -18.41
C SER A 186 -2.29 4.15 -19.22
N ASP A 187 -1.56 4.51 -20.28
CA ASP A 187 -0.78 3.52 -21.02
C ASP A 187 0.13 2.72 -20.09
N GLU A 188 0.81 3.41 -19.17
CA GLU A 188 1.76 2.71 -18.31
C GLU A 188 1.06 1.89 -17.24
N ILE A 189 -0.13 2.30 -16.82
CA ILE A 189 -0.91 1.48 -15.89
C ILE A 189 -1.37 0.21 -16.59
N VAL A 190 -1.92 0.35 -17.79
CA VAL A 190 -2.33 -0.83 -18.57
C VAL A 190 -1.12 -1.74 -18.83
N ASP A 191 0.04 -1.17 -19.13
CA ASP A 191 1.23 -1.97 -19.39
C ASP A 191 1.58 -2.87 -18.20
N ALA A 192 1.49 -2.34 -16.98
CA ALA A 192 1.84 -3.14 -15.82
C ALA A 192 0.89 -4.33 -15.67
N VAL A 193 -0.40 -4.11 -15.89
CA VAL A 193 -1.35 -5.20 -15.71
C VAL A 193 -1.25 -6.21 -16.87
N VAL A 194 -0.95 -5.74 -18.08
CA VAL A 194 -0.69 -6.70 -19.16
C VAL A 194 0.47 -7.61 -18.77
N LYS A 195 1.52 -7.04 -18.16
CA LYS A 195 2.66 -7.85 -17.76
C LYS A 195 2.28 -8.83 -16.64
N LEU A 196 1.43 -8.41 -15.70
CA LEU A 196 0.96 -9.34 -14.68
C LEU A 196 0.15 -10.48 -15.29
N VAL A 197 -0.75 -10.15 -16.22
CA VAL A 197 -1.58 -11.17 -16.85
C VAL A 197 -0.72 -12.15 -17.65
N THR A 198 0.36 -11.65 -18.27
CA THR A 198 1.28 -12.56 -18.96
C THR A 198 1.94 -13.52 -17.97
N HIS A 199 2.27 -13.02 -16.78
CA HIS A 199 2.91 -13.83 -15.76
C HIS A 199 1.94 -14.86 -15.17
N ILE A 200 0.68 -14.47 -14.95
CA ILE A 200 -0.25 -15.34 -14.26
C ILE A 200 -0.73 -16.47 -15.17
N GLY A 201 -0.98 -16.17 -16.44
CA GLY A 201 -1.69 -17.08 -17.29
C GLY A 201 -3.17 -16.71 -17.37
N PRO A 202 -4.00 -17.62 -17.91
CA PRO A 202 -5.43 -17.33 -18.02
C PRO A 202 -6.04 -16.90 -16.69
N CYS A 203 -6.77 -15.79 -16.69
CA CYS A 203 -7.37 -15.29 -15.45
C CYS A 203 -8.62 -14.49 -15.79
N VAL A 204 -9.25 -13.98 -14.73
CA VAL A 204 -10.45 -13.16 -14.83
C VAL A 204 -10.14 -11.83 -14.18
N LEU A 205 -10.46 -10.73 -14.85
CA LEU A 205 -10.33 -9.40 -14.26
C LEU A 205 -11.62 -9.01 -13.59
N VAL A 206 -11.53 -8.55 -12.35
CA VAL A 206 -12.65 -7.95 -11.65
C VAL A 206 -12.27 -6.50 -11.35
N THR A 207 -12.96 -5.56 -12.01
CA THR A 207 -12.58 -4.15 -11.98
C THR A 207 -13.65 -3.31 -11.27
N HIS A 208 -13.35 -2.03 -11.13
CA HIS A 208 -14.17 -1.14 -10.31
C HIS A 208 -13.96 0.29 -10.77
N ALA A 209 -15.06 0.97 -11.12
CA ALA A 209 -15.03 2.41 -11.37
C ALA A 209 -13.89 2.78 -12.32
N ALA A 210 -12.89 3.54 -11.85
CA ALA A 210 -11.81 3.99 -12.74
C ALA A 210 -11.06 2.86 -13.42
N SER A 211 -11.00 1.66 -12.82
CA SER A 211 -10.24 0.60 -13.49
C SER A 211 -11.08 -0.14 -14.52
N GLY A 212 -12.37 0.20 -14.66
CA GLY A 212 -13.19 -0.44 -15.67
C GLY A 212 -12.63 -0.30 -17.07
N VAL A 213 -12.42 0.93 -17.53
CA VAL A 213 -11.91 1.13 -18.89
C VAL A 213 -10.50 0.56 -19.02
N LEU A 214 -9.71 0.59 -17.95
CA LEU A 214 -8.35 0.05 -18.02
C LEU A 214 -8.37 -1.46 -18.18
N GLY A 215 -9.30 -2.13 -17.50
CA GLY A 215 -9.43 -3.57 -17.67
C GLY A 215 -9.88 -3.98 -19.05
N MET A 216 -10.77 -3.18 -19.65
CA MET A 216 -11.17 -3.44 -21.03
C MET A 216 -9.97 -3.34 -21.95
N ARG A 217 -9.15 -2.30 -21.77
CA ARG A 217 -7.94 -2.13 -22.57
C ARG A 217 -6.98 -3.31 -22.38
N VAL A 218 -6.77 -3.74 -21.13
CA VAL A 218 -5.89 -4.87 -20.88
C VAL A 218 -6.37 -6.10 -21.66
N ALA A 219 -7.68 -6.36 -21.65
CA ALA A 219 -8.21 -7.53 -22.34
C ALA A 219 -7.92 -7.49 -23.84
N THR A 220 -7.94 -6.30 -24.44
CA THR A 220 -7.65 -6.20 -25.87
C THR A 220 -6.18 -6.45 -26.18
N HIS A 221 -5.30 -6.38 -25.19
CA HIS A 221 -3.88 -6.65 -25.37
C HIS A 221 -3.45 -7.99 -24.80
N ALA A 222 -4.35 -8.75 -24.18
CA ALA A 222 -3.92 -9.93 -23.43
C ALA A 222 -5.00 -10.99 -23.54
N LYS A 223 -4.77 -11.97 -24.42
CA LYS A 223 -5.73 -13.05 -24.58
C LYS A 223 -5.88 -13.89 -23.32
N ASN A 224 -4.95 -13.77 -22.36
CA ASN A 224 -5.10 -14.50 -21.10
C ASN A 224 -6.28 -14.00 -20.27
N VAL A 225 -6.77 -12.79 -20.51
CA VAL A 225 -7.98 -12.33 -19.82
C VAL A 225 -9.15 -13.11 -20.42
N ARG A 226 -9.76 -13.98 -19.61
N ARG A 226 -9.77 -13.96 -19.61
CA ARG A 226 -10.82 -14.85 -20.09
CA ARG A 226 -10.83 -14.85 -20.10
C ARG A 226 -12.21 -14.38 -19.70
C ARG A 226 -12.21 -14.39 -19.69
N GLY A 227 -12.31 -13.28 -18.95
CA GLY A 227 -13.59 -12.76 -18.55
C GLY A 227 -13.40 -11.48 -17.79
N ILE A 228 -14.40 -10.60 -17.81
CA ILE A 228 -14.36 -9.34 -17.05
C ILE A 228 -15.67 -9.17 -16.32
N VAL A 229 -15.59 -8.84 -15.03
CA VAL A 229 -16.71 -8.31 -14.27
C VAL A 229 -16.29 -6.93 -13.78
N ALA A 230 -17.01 -5.90 -14.19
CA ALA A 230 -16.68 -4.52 -13.86
C ALA A 230 -17.78 -3.94 -12.99
N TYR A 231 -17.44 -3.58 -11.76
CA TYR A 231 -18.37 -2.88 -10.88
C TYR A 231 -18.34 -1.38 -11.16
N GLU A 232 -19.50 -0.82 -11.53
CA GLU A 232 -19.68 0.62 -11.68
C GLU A 232 -18.58 1.29 -12.50
N PRO A 233 -18.30 0.81 -13.71
CA PRO A 233 -17.22 1.40 -14.50
C PRO A 233 -17.45 2.87 -14.78
N ALA A 234 -16.37 3.66 -14.75
CA ALA A 234 -16.49 5.10 -14.81
C ALA A 234 -16.32 5.69 -16.21
N THR A 235 -15.62 5.01 -17.12
CA THR A 235 -15.40 5.52 -18.48
C THR A 235 -15.81 4.46 -19.48
N SER A 236 -16.63 4.86 -20.47
CA SER A 236 -17.08 3.95 -21.51
C SER A 236 -16.01 3.83 -22.61
N ILE A 237 -16.11 2.77 -23.42
CA ILE A 237 -15.15 2.50 -24.49
C ILE A 237 -15.90 2.12 -25.76
N PHE A 238 -15.42 2.64 -26.89
CA PHE A 238 -16.04 2.42 -28.20
C PHE A 238 -14.97 2.24 -29.26
N PRO A 239 -15.33 1.67 -30.41
CA PRO A 239 -14.41 1.67 -31.55
C PRO A 239 -14.16 3.10 -32.02
N LYS A 240 -12.94 3.32 -32.50
CA LYS A 240 -12.55 4.65 -32.99
C LYS A 240 -13.51 5.13 -34.06
N GLY A 241 -13.98 6.37 -33.91
CA GLY A 241 -14.91 6.97 -34.86
C GLY A 241 -16.35 6.49 -34.76
N LYS A 242 -16.65 5.60 -33.82
CA LYS A 242 -18.00 5.05 -33.69
C LYS A 242 -18.60 5.36 -32.32
N VAL A 243 -18.29 6.51 -31.75
CA VAL A 243 -18.91 6.93 -30.49
C VAL A 243 -20.33 7.35 -30.79
N PRO A 244 -21.35 6.73 -30.18
CA PRO A 244 -22.73 7.14 -30.44
C PRO A 244 -23.04 8.48 -29.77
N GLU A 245 -24.20 9.01 -30.13
CA GLU A 245 -24.68 10.25 -29.51
C GLU A 245 -24.96 10.00 -28.03
N ILE A 246 -24.33 10.80 -27.18
CA ILE A 246 -24.50 10.73 -25.74
C ILE A 246 -24.93 12.10 -25.27
N PRO A 247 -26.02 12.24 -24.53
CA PRO A 247 -26.52 13.57 -24.17
C PRO A 247 -25.66 14.20 -23.09
N PRO A 248 -25.71 15.52 -22.96
CA PRO A 248 -25.09 16.17 -21.80
C PRO A 248 -25.89 15.86 -20.55
N LEU A 249 -25.37 16.32 -19.41
CA LEU A 249 -26.09 16.14 -18.17
C LEU A 249 -27.28 17.10 -18.10
N ALA A 250 -28.09 16.94 -17.06
CA ALA A 250 -29.31 17.72 -16.91
C ALA A 250 -29.02 19.21 -16.75
N ASP A 251 -27.82 19.58 -16.30
CA ASP A 251 -27.50 21.00 -16.22
C ASP A 251 -27.26 21.63 -17.59
N LYS A 252 -27.33 20.82 -18.66
CA LYS A 252 -27.15 21.26 -20.04
C LYS A 252 -25.79 21.90 -20.28
N LYS A 253 -24.83 21.66 -19.38
CA LYS A 253 -23.48 22.18 -19.56
C LYS A 253 -22.43 21.09 -19.40
N SER A 254 -22.67 20.16 -18.50
CA SER A 254 -21.69 19.12 -18.18
C SER A 254 -21.84 17.93 -19.12
N GLN A 255 -20.73 17.19 -19.27
CA GLN A 255 -20.69 15.94 -20.02
C GLN A 255 -20.12 14.86 -19.12
N ILE A 256 -20.37 13.60 -19.49
CA ILE A 256 -19.71 12.48 -18.81
C ILE A 256 -18.26 12.44 -19.27
N PHE A 257 -17.49 11.44 -18.82
CA PHE A 257 -16.09 11.36 -19.22
C PHE A 257 -16.01 11.04 -20.71
N PRO A 258 -15.19 11.74 -21.48
CA PRO A 258 -15.02 11.42 -22.89
C PRO A 258 -14.74 9.94 -23.08
N PRO A 259 -15.55 9.24 -23.87
CA PRO A 259 -15.34 7.79 -24.03
C PRO A 259 -13.98 7.50 -24.65
N PHE A 260 -13.37 6.40 -24.19
CA PHE A 260 -12.10 5.96 -24.77
C PHE A 260 -12.36 5.28 -26.11
N GLU A 261 -11.56 5.62 -27.12
CA GLU A 261 -11.71 5.06 -28.46
C GLU A 261 -10.51 4.20 -28.80
N ILE A 262 -10.76 2.98 -29.30
CA ILE A 262 -9.69 2.08 -29.70
C ILE A 262 -9.97 1.58 -31.11
N GLN A 263 -8.90 1.18 -31.79
CA GLN A 263 -9.04 0.61 -33.13
C GLN A 263 -9.98 -0.60 -33.12
N GLU A 264 -10.75 -0.73 -34.20
CA GLU A 264 -11.73 -1.81 -34.31
C GLU A 264 -11.09 -3.18 -34.13
N SER A 265 -9.87 -3.36 -34.60
CA SER A 265 -9.22 -4.64 -34.45
C SER A 265 -9.01 -5.07 -33.00
N TYR A 266 -8.84 -4.10 -32.14
CA TYR A 266 -8.64 -4.42 -30.73
C TYR A 266 -9.98 -4.50 -30.03
N PHE A 267 -10.88 -3.61 -30.40
CA PHE A 267 -12.20 -3.63 -29.80
C PHE A 267 -12.90 -4.96 -29.99
N LYS A 268 -12.71 -5.55 -31.15
CA LYS A 268 -13.30 -6.84 -31.44
C LYS A 268 -12.89 -7.97 -30.52
N LYS A 269 -11.73 -7.83 -29.90
CA LYS A 269 -11.29 -8.85 -28.96
C LYS A 269 -12.24 -8.95 -27.74
N LEU A 270 -12.94 -7.86 -27.45
CA LEU A 270 -13.88 -7.85 -26.34
C LEU A 270 -15.10 -8.74 -26.56
N ALA A 271 -15.31 -9.10 -27.82
CA ALA A 271 -16.41 -9.98 -28.13
C ALA A 271 -16.12 -11.44 -27.94
N LYS A 272 -14.87 -11.75 -27.66
CA LYS A 272 -14.46 -13.12 -27.50
C LYS A 272 -14.52 -13.68 -26.09
N ILE A 273 -14.86 -12.85 -25.10
CA ILE A 273 -14.91 -13.28 -23.71
C ILE A 273 -16.19 -12.74 -23.08
N PRO A 274 -16.68 -13.40 -22.02
CA PRO A 274 -17.85 -12.87 -21.31
C PRO A 274 -17.49 -11.64 -20.49
N ILE A 275 -18.35 -10.63 -20.57
CA ILE A 275 -18.15 -9.35 -19.90
C ILE A 275 -19.44 -8.97 -19.22
N GLN A 276 -19.38 -8.64 -17.94
CA GLN A 276 -20.55 -8.19 -17.19
C GLN A 276 -20.22 -6.88 -16.50
N PHE A 277 -21.06 -5.88 -16.71
CA PHE A 277 -20.98 -4.63 -15.93
C PHE A 277 -22.04 -4.69 -14.85
N VAL A 278 -21.67 -4.35 -13.62
CA VAL A 278 -22.58 -4.43 -12.47
C VAL A 278 -22.80 -3.04 -11.92
N PHE A 279 -24.07 -2.65 -11.76
CA PHE A 279 -24.39 -1.36 -11.17
C PHE A 279 -25.25 -1.54 -9.92
N GLY A 280 -25.02 -0.69 -8.92
CA GLY A 280 -25.83 -0.65 -7.72
C GLY A 280 -27.13 0.10 -7.91
N ASP A 281 -27.63 0.67 -6.83
CA ASP A 281 -28.95 1.27 -6.79
C ASP A 281 -28.85 2.80 -6.78
N ASN A 282 -30.03 3.42 -6.80
CA ASN A 282 -30.12 4.88 -6.72
C ASN A 282 -29.58 5.72 -7.85
N ILE A 283 -29.50 5.11 -9.01
CA ILE A 283 -29.13 5.86 -10.20
C ILE A 283 -30.48 6.25 -10.82
N PRO A 284 -30.68 7.55 -10.96
CA PRO A 284 -31.95 8.01 -11.51
C PRO A 284 -32.24 7.58 -12.91
N LYS A 285 -33.52 7.39 -13.17
CA LYS A 285 -33.96 7.04 -14.53
C LYS A 285 -34.15 8.31 -15.30
N ASN A 286 -34.49 9.36 -14.60
CA ASN A 286 -34.79 10.61 -15.22
C ASN A 286 -33.80 11.77 -14.88
N PRO A 287 -33.66 12.81 -15.77
CA PRO A 287 -32.69 13.87 -15.48
C PRO A 287 -32.87 14.43 -14.08
N LYS A 288 -31.75 14.64 -13.38
CA LYS A 288 -31.77 15.13 -12.00
C LYS A 288 -30.77 16.27 -11.88
N SER A 289 -31.20 17.49 -12.21
CA SER A 289 -30.29 18.63 -12.24
C SER A 289 -29.84 19.07 -10.86
N ALA A 290 -30.58 18.71 -9.80
CA ALA A 290 -30.17 19.13 -8.45
C ALA A 290 -28.99 18.34 -7.91
N TYR A 291 -28.68 17.19 -8.49
CA TYR A 291 -27.68 16.27 -7.93
C TYR A 291 -26.75 15.82 -9.04
N TRP A 292 -25.64 16.55 -9.18
CA TRP A 292 -24.76 16.37 -10.35
C TRP A 292 -24.30 14.93 -10.50
N PHE A 293 -23.85 14.30 -9.41
CA PHE A 293 -23.26 12.99 -9.61
C PHE A 293 -24.31 11.90 -9.81
N LEU A 294 -25.52 12.08 -9.27
CA LEU A 294 -26.60 11.15 -9.61
C LEU A 294 -26.90 11.22 -11.12
N ASP A 295 -27.00 12.44 -11.65
CA ASP A 295 -27.25 12.60 -13.07
C ASP A 295 -26.08 12.07 -13.91
N TRP A 296 -24.85 12.31 -13.45
CA TRP A 296 -23.66 11.78 -14.12
C TRP A 296 -23.73 10.27 -14.25
N TRP A 297 -24.13 9.57 -13.18
CA TRP A 297 -24.24 8.12 -13.23
C TRP A 297 -25.36 7.67 -14.17
N ARG A 298 -26.46 8.42 -14.24
CA ARG A 298 -27.51 8.10 -15.21
C ARG A 298 -26.95 8.08 -16.64
N VAL A 299 -26.25 9.14 -17.02
CA VAL A 299 -25.79 9.20 -18.41
C VAL A 299 -24.61 8.26 -18.63
N THR A 300 -23.76 8.06 -17.63
CA THR A 300 -22.65 7.13 -17.77
C THR A 300 -23.12 5.70 -17.92
N ARG A 301 -24.10 5.29 -17.11
CA ARG A 301 -24.68 3.96 -17.28
C ARG A 301 -25.30 3.79 -18.66
N TYR A 302 -25.95 4.85 -19.17
CA TYR A 302 -26.51 4.80 -20.50
C TYR A 302 -25.41 4.59 -21.55
N ALA A 303 -24.30 5.35 -21.45
CA ALA A 303 -23.20 5.16 -22.38
C ALA A 303 -22.66 3.74 -22.32
N HIS A 304 -22.51 3.18 -21.12
CA HIS A 304 -22.06 1.80 -21.01
C HIS A 304 -23.02 0.83 -21.68
N SER A 305 -24.33 1.07 -21.58
CA SER A 305 -25.27 0.18 -22.24
C SER A 305 -25.05 0.16 -23.76
N LEU A 306 -24.69 1.31 -24.33
CA LEU A 306 -24.39 1.36 -25.76
C LEU A 306 -23.08 0.67 -26.09
N SER A 307 -22.10 0.81 -25.20
CA SER A 307 -20.82 0.10 -25.33
C SER A 307 -21.01 -1.41 -25.37
N LEU A 308 -21.76 -1.95 -24.40
CA LEU A 308 -22.03 -3.38 -24.37
C LEU A 308 -22.80 -3.80 -25.63
N GLU A 309 -23.74 -2.97 -26.08
CA GLU A 309 -24.48 -3.29 -27.30
C GLU A 309 -23.56 -3.40 -28.50
N ALA A 310 -22.55 -2.52 -28.57
CA ALA A 310 -21.60 -2.55 -29.68
C ALA A 310 -20.77 -3.84 -29.67
N ILE A 311 -20.37 -4.29 -28.49
CA ILE A 311 -19.66 -5.56 -28.36
C ILE A 311 -20.54 -6.71 -28.81
N ASN A 312 -21.83 -6.67 -28.45
CA ASN A 312 -22.72 -7.77 -28.80
C ASN A 312 -23.00 -7.80 -30.30
N LYS A 313 -22.96 -6.65 -30.97
CA LYS A 313 -23.11 -6.63 -32.42
C LYS A 313 -21.88 -7.14 -33.14
N LEU A 314 -20.78 -7.38 -32.42
CA LEU A 314 -19.62 -8.06 -32.96
C LEU A 314 -19.57 -9.53 -32.56
N GLY A 315 -20.71 -10.08 -32.12
CA GLY A 315 -20.78 -11.46 -31.69
C GLY A 315 -20.43 -11.70 -30.24
N GLY A 316 -20.42 -10.66 -29.41
CA GLY A 316 -19.97 -10.79 -28.04
C GLY A 316 -21.05 -11.29 -27.10
N GLN A 317 -20.69 -11.31 -25.81
CA GLN A 317 -21.57 -11.75 -24.75
C GLN A 317 -21.33 -10.79 -23.58
N ALA A 318 -21.82 -9.56 -23.76
CA ALA A 318 -21.59 -8.47 -22.84
C ALA A 318 -22.92 -8.08 -22.21
N SER A 319 -23.00 -8.12 -20.89
CA SER A 319 -24.26 -7.93 -20.21
C SER A 319 -24.15 -6.83 -19.17
N LEU A 320 -25.30 -6.24 -18.83
CA LEU A 320 -25.41 -5.23 -17.78
C LEU A 320 -26.29 -5.81 -16.69
N LEU A 321 -25.76 -5.89 -15.47
CA LEU A 321 -26.51 -6.37 -14.33
C LEU A 321 -26.80 -5.20 -13.41
N ASP A 322 -28.07 -4.84 -13.27
CA ASP A 322 -28.50 -3.91 -12.25
C ASP A 322 -28.86 -4.72 -11.02
N LEU A 323 -28.15 -4.48 -9.91
CA LEU A 323 -28.37 -5.30 -8.73
C LEU A 323 -29.82 -5.27 -8.24
N PRO A 324 -30.57 -4.16 -8.32
CA PRO A 324 -31.98 -4.22 -7.90
C PRO A 324 -32.81 -5.23 -8.68
N THR A 325 -32.49 -5.48 -9.96
CA THR A 325 -33.25 -6.51 -10.69
C THR A 325 -32.95 -7.91 -10.17
N ALA A 326 -31.80 -8.10 -9.52
CA ALA A 326 -31.48 -9.36 -8.87
C ALA A 326 -32.01 -9.45 -7.44
N GLY A 327 -32.77 -8.46 -7.00
CA GLY A 327 -33.33 -8.44 -5.67
C GLY A 327 -32.51 -7.73 -4.62
N LEU A 328 -31.41 -7.09 -5.02
CA LEU A 328 -30.53 -6.42 -4.06
C LEU A 328 -30.78 -4.92 -4.16
N ARG A 329 -31.25 -4.32 -3.08
CA ARG A 329 -31.63 -2.91 -3.06
C ARG A 329 -30.66 -2.09 -2.23
N GLY A 330 -30.36 -0.89 -2.71
CA GLY A 330 -29.63 0.09 -1.93
C GLY A 330 -28.12 0.06 -2.06
N ASN A 331 -27.57 -0.70 -2.99
CA ASN A 331 -26.11 -0.74 -3.08
C ASN A 331 -25.54 0.60 -3.51
N THR A 332 -24.37 0.93 -2.95
CA THR A 332 -23.57 2.07 -3.37
C THR A 332 -22.72 1.67 -4.57
N ALA A 333 -21.81 2.56 -4.96
CA ALA A 333 -20.90 2.26 -6.07
C ALA A 333 -19.74 1.35 -5.65
N PHE A 334 -19.70 0.89 -4.39
CA PHE A 334 -18.78 -0.13 -3.90
C PHE A 334 -19.59 -1.33 -3.42
N PRO A 335 -20.31 -2.02 -4.31
CA PRO A 335 -21.21 -3.09 -3.81
C PRO A 335 -20.48 -4.17 -3.05
N PHE A 336 -19.20 -4.40 -3.39
CA PHE A 336 -18.38 -5.45 -2.80
C PHE A 336 -17.89 -5.11 -1.39
N THR A 337 -18.15 -3.90 -0.87
CA THR A 337 -17.92 -3.63 0.56
C THR A 337 -19.20 -3.24 1.29
N ASP A 338 -20.34 -3.23 0.62
CA ASP A 338 -21.61 -2.91 1.27
C ASP A 338 -22.03 -4.04 2.23
N ARG A 339 -23.08 -3.78 3.00
CA ARG A 339 -23.55 -4.74 3.99
C ARG A 339 -24.02 -6.08 3.41
N ASN A 340 -24.47 -6.06 2.17
CA ASN A 340 -24.91 -7.25 1.47
C ASN A 340 -23.85 -7.81 0.50
N ASN A 341 -22.59 -7.53 0.80
CA ASN A 341 -21.53 -7.99 -0.11
C ASN A 341 -21.41 -9.50 -0.34
N VAL A 342 -21.91 -10.29 0.61
CA VAL A 342 -21.91 -11.73 0.43
C VAL A 342 -22.89 -12.09 -0.69
N GLN A 343 -23.99 -11.40 -0.73
CA GLN A 343 -24.96 -11.63 -1.81
C GLN A 343 -24.43 -11.14 -3.16
N VAL A 344 -23.71 -10.03 -3.17
CA VAL A 344 -23.07 -9.56 -4.38
C VAL A 344 -22.05 -10.59 -4.86
N ALA A 345 -21.32 -11.16 -3.93
CA ALA A 345 -20.32 -12.18 -4.27
C ALA A 345 -20.94 -13.40 -4.86
N SER A 346 -22.13 -13.72 -4.37
CA SER A 346 -22.83 -14.88 -4.88
C SER A 346 -23.15 -14.71 -6.36
N LEU A 347 -23.49 -13.50 -6.73
CA LEU A 347 -23.77 -13.23 -8.11
C LEU A 347 -22.51 -13.26 -8.95
N LEU A 348 -21.38 -12.89 -8.37
CA LEU A 348 -20.13 -13.04 -9.10
C LEU A 348 -19.78 -14.51 -9.29
N SER A 349 -19.95 -15.32 -8.25
CA SER A 349 -19.75 -16.77 -8.36
C SER A 349 -20.67 -17.37 -9.44
N ASP A 350 -21.88 -16.89 -9.54
CA ASP A 350 -22.77 -17.39 -10.58
C ASP A 350 -22.26 -17.12 -11.99
N PHE A 351 -21.73 -15.92 -12.20
CA PHE A 351 -21.16 -15.55 -13.50
C PHE A 351 -19.99 -16.47 -13.81
N LEU A 352 -19.12 -16.66 -12.83
CA LEU A 352 -17.95 -17.47 -13.05
C LEU A 352 -18.33 -18.90 -13.37
N GLY A 353 -19.29 -19.40 -12.63
CA GLY A 353 -19.74 -20.73 -12.87
C GLY A 353 -20.37 -20.97 -14.22
N LYS A 354 -21.28 -20.11 -14.61
CA LYS A 354 -21.90 -20.23 -15.92
C LYS A 354 -20.95 -20.23 -17.09
N HIS A 355 -19.91 -19.44 -17.00
CA HIS A 355 -18.98 -19.29 -18.08
C HIS A 355 -17.78 -20.23 -18.01
N GLY A 356 -17.87 -21.21 -17.16
CA GLY A 356 -16.83 -22.21 -17.08
C GLY A 356 -15.54 -21.75 -16.45
N LEU A 357 -15.63 -20.65 -15.73
CA LEU A 357 -14.45 -20.11 -15.12
C LEU A 357 -14.16 -20.62 -13.71
N ASP A 358 -14.98 -21.52 -13.22
CA ASP A 358 -14.82 -22.09 -11.91
C ASP A 358 -14.46 -23.58 -11.99
N GLN A 359 -14.01 -23.98 -13.14
CA GLN A 359 -13.60 -25.35 -13.30
C GLN A 359 -12.25 -25.49 -13.94
N ASN A 360 -11.57 -26.60 -13.64
CA ASN A 360 -10.19 -26.75 -14.09
C ASN A 360 -10.14 -27.35 -15.49
N LYS B 12 6.27 -25.54 3.89
CA LYS B 12 6.73 -24.21 4.30
C LYS B 12 5.83 -23.05 3.93
N ARG B 13 5.00 -23.22 2.91
CA ARG B 13 4.23 -22.07 2.44
C ARG B 13 2.81 -22.03 2.95
N LYS B 14 2.34 -23.17 3.42
CA LYS B 14 0.96 -23.26 3.87
C LYS B 14 0.72 -22.49 5.12
N VAL B 15 -0.38 -21.76 5.17
CA VAL B 15 -0.71 -21.01 6.33
C VAL B 15 -2.21 -21.05 6.60
N VAL B 16 -2.59 -21.16 7.84
CA VAL B 16 -3.98 -21.30 8.21
C VAL B 16 -4.36 -20.13 9.09
N LEU B 17 -5.36 -19.36 8.66
CA LEU B 17 -5.76 -18.15 9.35
C LEU B 17 -7.15 -18.35 9.94
N ALA B 18 -7.26 -18.14 11.26
CA ALA B 18 -8.59 -18.04 11.86
C ALA B 18 -9.34 -16.83 11.32
N GLU B 19 -8.62 -15.75 11.02
CA GLU B 19 -9.21 -14.55 10.43
C GLU B 19 -8.09 -13.66 9.90
N GLN B 20 -8.47 -12.79 8.97
CA GLN B 20 -7.54 -11.80 8.43
C GLN B 20 -8.35 -10.58 8.04
N GLY B 21 -7.67 -9.45 7.93
CA GLY B 21 -8.37 -8.24 7.54
C GLY B 21 -7.44 -7.05 7.54
N SER B 22 -8.01 -5.90 7.25
CA SER B 22 -7.25 -4.66 7.30
C SER B 22 -8.19 -3.51 7.59
N PHE B 23 -7.61 -2.43 8.08
CA PHE B 23 -8.40 -1.29 8.52
C PHE B 23 -7.48 -0.07 8.58
N TYR B 24 -8.12 1.10 8.68
CA TYR B 24 -7.43 2.36 8.86
C TYR B 24 -7.58 2.87 10.29
N ILE B 25 -6.54 3.53 10.79
CA ILE B 25 -6.56 4.07 12.15
C ILE B 25 -5.73 5.34 12.21
N GLY B 26 -6.12 6.24 13.10
CA GLY B 26 -5.36 7.44 13.31
C GLY B 26 -5.65 8.50 12.24
N GLY B 27 -4.88 9.58 12.32
CA GLY B 27 -5.07 10.68 11.40
C GLY B 27 -5.98 11.76 11.95
N ARG B 28 -6.17 12.78 11.12
CA ARG B 28 -7.02 13.92 11.45
C ARG B 28 -7.68 14.40 10.17
N THR B 29 -8.45 15.48 10.27
CA THR B 29 -9.07 16.09 9.10
C THR B 29 -8.63 17.54 8.97
N VAL B 30 -8.57 18.02 7.73
CA VAL B 30 -8.35 19.42 7.41
C VAL B 30 -9.43 19.82 6.41
N THR B 31 -9.69 21.13 6.33
CA THR B 31 -10.82 21.61 5.53
C THR B 31 -10.39 22.74 4.58
N GLY B 32 -11.03 22.77 3.42
CA GLY B 32 -10.93 23.88 2.49
C GLY B 32 -12.00 24.91 2.80
N PRO B 33 -12.01 26.02 2.07
CA PRO B 33 -12.97 27.09 2.35
C PRO B 33 -14.31 26.84 1.68
N GLY B 34 -15.32 27.55 2.17
CA GLY B 34 -16.60 27.58 1.49
C GLY B 34 -17.48 26.37 1.77
N LYS B 35 -18.42 26.17 0.85
CA LYS B 35 -19.51 25.22 1.01
C LYS B 35 -19.56 24.31 -0.21
N PHE B 36 -19.96 23.05 0.01
CA PHE B 36 -20.07 22.07 -1.06
C PHE B 36 -21.50 22.10 -1.60
N ASP B 37 -21.62 22.32 -2.92
CA ASP B 37 -22.92 22.35 -3.57
C ASP B 37 -23.07 21.12 -4.45
N PRO B 38 -23.95 20.17 -4.10
CA PRO B 38 -24.06 18.92 -4.88
C PRO B 38 -24.61 19.10 -6.28
N SER B 39 -25.15 20.27 -6.63
CA SER B 39 -25.65 20.49 -7.98
C SER B 39 -24.60 20.98 -8.96
N LYS B 40 -23.49 21.42 -8.47
CA LYS B 40 -22.35 21.90 -9.23
C LYS B 40 -21.48 20.73 -9.66
N PRO B 41 -20.78 20.85 -10.80
CA PRO B 41 -19.89 19.77 -11.24
C PRO B 41 -18.91 19.37 -10.15
N VAL B 42 -18.90 18.07 -9.80
CA VAL B 42 -18.01 17.59 -8.73
C VAL B 42 -16.62 17.30 -9.26
N ILE B 43 -16.49 17.10 -10.56
CA ILE B 43 -15.21 16.82 -11.19
C ILE B 43 -15.03 17.84 -12.30
N PRO B 44 -13.85 18.50 -12.42
CA PRO B 44 -12.63 18.34 -11.61
C PRO B 44 -12.79 18.63 -10.11
N TYR B 45 -12.15 17.82 -9.28
CA TYR B 45 -12.30 17.93 -7.84
C TYR B 45 -11.83 19.30 -7.35
N SER B 46 -12.49 19.79 -6.31
CA SER B 46 -12.26 21.12 -5.77
C SER B 46 -11.99 21.04 -4.27
N ASN B 47 -11.22 22.00 -3.77
CA ASN B 47 -11.08 22.19 -2.33
C ASN B 47 -12.29 22.90 -1.70
N GLU B 48 -13.22 23.42 -2.51
CA GLU B 48 -14.32 24.20 -1.98
C GLU B 48 -15.26 23.31 -1.16
N GLY B 49 -15.51 23.72 0.08
CA GLY B 49 -16.33 22.93 0.99
C GLY B 49 -15.78 21.57 1.34
N ALA B 50 -14.47 21.38 1.21
CA ALA B 50 -13.85 20.06 1.31
C ALA B 50 -13.46 19.71 2.74
N THR B 51 -13.68 18.44 3.10
CA THR B 51 -13.07 17.79 4.25
C THR B 51 -12.13 16.72 3.73
N PHE B 52 -10.88 16.72 4.21
CA PHE B 52 -9.89 15.73 3.80
C PHE B 52 -9.41 14.97 5.01
N TYR B 53 -9.41 13.64 4.94
CA TYR B 53 -8.76 12.82 5.96
C TYR B 53 -7.29 12.68 5.63
N ILE B 54 -6.42 13.06 6.57
CA ILE B 54 -4.98 13.02 6.35
C ILE B 54 -4.26 12.29 7.48
N ASN B 55 -3.11 11.70 7.11
CA ASN B 55 -2.12 11.12 8.01
C ASN B 55 -2.62 9.88 8.74
N GLN B 56 -3.65 9.23 8.21
CA GLN B 56 -4.08 7.94 8.70
C GLN B 56 -3.13 6.82 8.26
N MET B 57 -3.20 5.71 8.97
CA MET B 57 -2.33 4.56 8.79
C MET B 57 -3.14 3.35 8.36
N TYR B 58 -2.55 2.55 7.46
CA TYR B 58 -3.12 1.28 7.05
C TYR B 58 -2.58 0.16 7.93
N VAL B 59 -3.46 -0.75 8.34
CA VAL B 59 -3.11 -1.88 9.21
C VAL B 59 -3.69 -3.16 8.63
N ASN B 60 -2.86 -4.21 8.53
CA ASN B 60 -3.28 -5.55 8.12
C ASN B 60 -3.05 -6.50 9.28
N PHE B 61 -3.95 -7.44 9.50
CA PHE B 61 -3.70 -8.47 10.50
C PHE B 61 -4.01 -9.86 9.94
N GLN B 62 -3.24 -10.83 10.40
CA GLN B 62 -3.49 -12.25 10.14
C GLN B 62 -3.39 -12.99 11.48
N ALA B 63 -4.44 -13.70 11.85
CA ALA B 63 -4.46 -14.39 13.13
C ALA B 63 -4.48 -15.89 12.91
N PRO B 64 -3.59 -16.63 13.56
CA PRO B 64 -3.63 -18.09 13.48
C PRO B 64 -4.78 -18.64 14.30
N VAL B 65 -5.03 -19.94 14.10
CA VAL B 65 -5.92 -20.67 15.00
C VAL B 65 -5.21 -20.86 16.34
N ARG B 66 -5.88 -20.52 17.43
CA ARG B 66 -5.35 -20.66 18.79
C ARG B 66 -3.97 -20.01 18.92
N PRO B 67 -3.92 -18.68 18.88
CA PRO B 67 -2.64 -17.98 19.04
C PRO B 67 -2.05 -18.23 20.41
N ARG B 68 -0.72 -18.12 20.47
CA ARG B 68 0.03 -18.32 21.71
C ARG B 68 0.95 -17.13 21.90
N GLY B 69 0.73 -16.38 22.97
CA GLY B 69 1.55 -15.23 23.24
C GLY B 69 1.01 -13.97 22.58
N LEU B 70 1.85 -12.94 22.59
CA LEU B 70 1.41 -11.61 22.22
C LEU B 70 1.41 -11.40 20.70
N PRO B 71 0.49 -10.60 20.20
CA PRO B 71 0.56 -10.21 18.79
C PRO B 71 1.84 -9.42 18.52
N LEU B 72 2.35 -9.57 17.30
CA LEU B 72 3.53 -8.87 16.83
C LEU B 72 3.10 -7.80 15.84
N VAL B 73 3.69 -6.62 15.98
CA VAL B 73 3.45 -5.51 15.08
C VAL B 73 4.73 -5.26 14.31
N PHE B 74 4.72 -5.58 13.02
CA PHE B 74 5.90 -5.40 12.17
C PHE B 74 5.84 -4.04 11.51
N TRP B 75 6.89 -3.24 11.72
CA TRP B 75 6.93 -1.83 11.31
C TRP B 75 8.10 -1.63 10.34
N HIS B 76 7.78 -1.45 9.07
CA HIS B 76 8.75 -1.29 7.98
C HIS B 76 9.68 -0.09 8.21
N GLY B 77 10.86 -0.15 7.60
CA GLY B 77 11.81 0.94 7.63
C GLY B 77 11.50 2.05 6.64
N GLY B 78 12.48 2.93 6.46
CA GLY B 78 12.25 4.17 5.73
C GLY B 78 11.97 3.93 4.25
N GLY B 79 10.90 4.53 3.75
CA GLY B 79 10.57 4.40 2.34
C GLY B 79 10.06 3.04 1.93
N LEU B 80 9.61 2.24 2.89
CA LEU B 80 9.16 0.87 2.65
C LEU B 80 7.69 0.73 3.01
N THR B 81 7.17 -0.48 2.88
CA THR B 81 5.79 -0.81 3.26
C THR B 81 5.77 -2.17 3.92
N GLY B 82 4.57 -2.60 4.32
CA GLY B 82 4.41 -3.93 4.88
C GLY B 82 4.80 -5.06 3.94
N HIS B 83 5.00 -4.77 2.65
CA HIS B 83 5.46 -5.80 1.72
C HIS B 83 6.69 -6.53 2.23
N ILE B 84 7.60 -5.81 2.89
CA ILE B 84 8.87 -6.42 3.27
C ILE B 84 8.68 -7.52 4.31
N TRP B 85 7.55 -7.53 5.02
CA TRP B 85 7.23 -8.62 5.94
C TRP B 85 6.40 -9.71 5.29
N GLU B 86 5.85 -9.46 4.10
CA GLU B 86 5.02 -10.45 3.41
C GLU B 86 5.86 -11.48 2.66
N SER B 87 6.83 -10.99 1.88
CA SER B 87 7.63 -11.83 0.98
C SER B 87 9.01 -11.23 0.85
N THR B 88 9.99 -12.08 0.55
CA THR B 88 11.31 -11.61 0.17
C THR B 88 11.30 -11.21 -1.31
N PRO B 89 12.34 -10.51 -1.79
CA PRO B 89 12.36 -10.11 -3.20
C PRO B 89 12.29 -11.28 -4.16
N ASP B 90 12.81 -12.45 -3.77
CA ASP B 90 12.74 -13.64 -4.59
C ASP B 90 11.53 -14.51 -4.28
N GLY B 91 10.55 -14.02 -3.53
CA GLY B 91 9.30 -14.72 -3.39
C GLY B 91 9.22 -15.75 -2.27
N ARG B 92 10.22 -15.82 -1.39
CA ARG B 92 10.12 -16.69 -0.24
C ARG B 92 9.24 -16.06 0.83
N PRO B 93 8.70 -16.87 1.76
CA PRO B 93 7.85 -16.32 2.83
C PRO B 93 8.58 -15.30 3.69
N GLY B 94 7.87 -14.20 3.97
CA GLY B 94 8.35 -13.20 4.88
C GLY B 94 7.95 -13.52 6.32
N PHE B 95 8.34 -12.61 7.21
CA PHE B 95 8.11 -12.81 8.64
C PHE B 95 6.62 -12.87 8.99
N GLN B 96 5.74 -12.26 8.19
CA GLN B 96 4.32 -12.38 8.44
C GLN B 96 3.89 -13.85 8.42
N THR B 97 4.22 -14.57 7.35
CA THR B 97 3.88 -15.98 7.26
C THR B 97 4.62 -16.78 8.34
N LEU B 98 5.91 -16.52 8.53
CA LEU B 98 6.69 -17.34 9.46
C LEU B 98 6.14 -17.23 10.87
N PHE B 99 5.64 -16.05 11.27
CA PHE B 99 5.21 -15.92 12.66
C PHE B 99 3.74 -16.23 12.86
N VAL B 100 2.91 -16.20 11.80
CA VAL B 100 1.61 -16.85 11.89
C VAL B 100 1.78 -18.35 12.07
N GLN B 101 2.72 -18.94 11.33
CA GLN B 101 3.05 -20.35 11.51
C GLN B 101 3.59 -20.61 12.92
N ASP B 102 4.27 -19.63 13.51
CA ASP B 102 4.76 -19.68 14.88
C ASP B 102 3.68 -19.31 15.90
N ARG B 103 2.41 -19.25 15.45
CA ARG B 103 1.23 -19.12 16.31
C ARG B 103 1.11 -17.74 16.97
N HIS B 104 1.66 -16.69 16.36
CA HIS B 104 1.37 -15.32 16.78
C HIS B 104 0.41 -14.68 15.79
N THR B 105 -0.54 -13.91 16.31
CA THR B 105 -1.24 -12.95 15.46
C THR B 105 -0.25 -11.90 15.00
N VAL B 106 -0.32 -11.55 13.71
CA VAL B 106 0.67 -10.66 13.09
C VAL B 106 -0.04 -9.45 12.51
N TYR B 107 0.36 -8.27 12.95
CA TYR B 107 -0.07 -7.02 12.35
C TYR B 107 1.07 -6.47 11.50
N THR B 108 0.77 -6.02 10.30
CA THR B 108 1.73 -5.30 9.47
C THR B 108 1.11 -3.95 9.12
N ILE B 109 1.92 -2.90 9.14
CA ILE B 109 1.38 -1.57 8.91
C ILE B 109 2.05 -0.94 7.69
N ASP B 110 1.32 -0.01 7.07
CA ASP B 110 1.89 0.99 6.17
C ASP B 110 1.71 2.31 6.90
N GLN B 111 2.81 2.88 7.39
CA GLN B 111 2.69 4.05 8.26
C GLN B 111 2.18 5.25 7.46
N PRO B 112 1.67 6.28 8.14
CA PRO B 112 1.24 7.48 7.42
C PRO B 112 2.33 7.98 6.48
N GLY B 113 1.96 8.26 5.25
CA GLY B 113 2.88 8.73 4.24
C GLY B 113 3.54 7.66 3.40
N ARG B 114 3.25 6.38 3.67
CA ARG B 114 3.86 5.27 2.94
C ARG B 114 2.83 4.24 2.51
N GLY B 115 2.94 3.77 1.27
CA GLY B 115 2.10 2.68 0.82
C GLY B 115 0.62 3.02 0.94
N ARG B 116 -0.12 2.14 1.61
CA ARG B 116 -1.55 2.35 1.77
C ARG B 116 -1.88 3.37 2.86
N GLY B 117 -0.88 3.83 3.61
CA GLY B 117 -1.07 4.99 4.46
C GLY B 117 -1.37 6.22 3.63
N ASN B 118 -1.85 7.27 4.31
CA ASN B 118 -2.26 8.46 3.57
C ASN B 118 -1.05 9.28 3.12
N ILE B 119 -1.11 9.75 1.88
CA ILE B 119 -0.20 10.79 1.40
C ILE B 119 -1.01 12.09 1.35
N PRO B 120 -0.74 13.07 2.20
CA PRO B 120 -1.62 14.23 2.32
C PRO B 120 -1.43 15.27 1.22
N THR B 121 -2.24 15.19 0.17
CA THR B 121 -2.20 16.18 -0.89
C THR B 121 -3.62 16.39 -1.40
N PHE B 122 -3.81 17.48 -2.12
CA PHE B 122 -5.14 18.06 -2.33
C PHE B 122 -5.30 18.50 -3.77
N ASN B 123 -6.02 19.58 -4.02
CA ASN B 123 -6.13 20.16 -5.35
C ASN B 123 -5.23 21.39 -5.38
N GLY B 124 -4.05 21.24 -5.98
CA GLY B 124 -3.04 22.26 -5.96
C GLY B 124 -1.65 21.64 -5.90
N PRO B 125 -0.61 22.47 -5.76
CA PRO B 125 0.74 21.94 -5.66
C PRO B 125 0.83 20.92 -4.54
N PHE B 126 1.65 19.88 -4.76
CA PHE B 126 1.73 18.75 -3.84
C PHE B 126 1.85 19.19 -2.38
N GLY B 127 0.97 18.65 -1.55
CA GLY B 127 1.01 18.89 -0.12
C GLY B 127 0.37 20.17 0.35
N GLN B 128 -0.10 21.01 -0.56
CA GLN B 128 -0.61 22.34 -0.23
C GLN B 128 -2.14 22.35 -0.27
N LEU B 129 -2.74 22.81 0.83
CA LEU B 129 -4.18 23.00 0.93
C LEU B 129 -4.40 24.50 1.04
N GLU B 130 -4.78 25.12 -0.07
CA GLU B 130 -4.81 26.58 -0.18
C GLU B 130 -3.49 27.16 0.33
N GLU B 131 -3.54 27.98 1.36
CA GLU B 131 -2.36 28.65 1.87
C GLU B 131 -1.64 27.86 2.96
N GLU B 132 -2.10 26.66 3.27
CA GLU B 132 -1.49 25.85 4.32
C GLU B 132 -0.64 24.76 3.70
N SER B 133 0.60 24.63 4.18
CA SER B 133 1.51 23.60 3.70
C SER B 133 1.40 22.41 4.64
N ILE B 134 0.68 21.37 4.22
CA ILE B 134 0.54 20.19 5.06
C ILE B 134 1.80 19.34 5.02
N VAL B 135 2.34 19.11 3.82
CA VAL B 135 3.66 18.53 3.63
C VAL B 135 4.37 19.32 2.53
N ASN B 136 5.69 19.19 2.48
CA ASN B 136 6.49 19.98 1.54
C ASN B 136 6.24 19.55 0.10
N THR B 137 6.26 20.53 -0.81
CA THR B 137 6.16 20.23 -2.23
C THR B 137 7.43 19.61 -2.77
N VAL B 138 8.58 19.99 -2.21
CA VAL B 138 9.86 19.40 -2.59
C VAL B 138 10.03 18.08 -1.85
N THR B 139 10.25 17.00 -2.60
CA THR B 139 10.44 15.68 -2.02
C THR B 139 11.91 15.29 -2.01
N GLY B 140 12.21 14.24 -1.24
CA GLY B 140 13.47 13.55 -1.35
C GLY B 140 13.23 12.07 -1.53
N ASN B 141 14.21 11.40 -2.12
CA ASN B 141 14.05 9.97 -2.41
C ASN B 141 15.40 9.35 -2.74
N SER B 142 15.70 8.20 -2.16
CA SER B 142 16.96 7.52 -2.45
C SER B 142 16.95 6.96 -3.87
N SER B 143 18.13 6.92 -4.47
CA SER B 143 18.35 6.19 -5.70
C SER B 143 18.61 4.71 -5.40
N LYS B 144 18.60 3.90 -6.46
CA LYS B 144 19.07 2.52 -6.35
C LYS B 144 20.48 2.47 -5.78
N GLU B 145 21.34 3.37 -6.24
CA GLU B 145 22.73 3.39 -5.81
C GLU B 145 22.85 3.76 -4.34
N GLY B 146 22.09 4.76 -3.91
CA GLY B 146 22.11 5.12 -2.50
C GLY B 146 21.61 3.98 -1.62
N ALA B 147 20.54 3.30 -2.06
CA ALA B 147 19.99 2.22 -1.26
C ALA B 147 20.93 1.02 -1.22
N TRP B 148 21.61 0.75 -2.34
CA TRP B 148 22.58 -0.33 -2.39
C TRP B 148 23.60 -0.22 -1.26
N VAL B 149 24.18 0.96 -1.08
CA VAL B 149 25.22 1.11 -0.06
C VAL B 149 24.60 1.30 1.32
N ARG B 150 23.46 2.00 1.40
CA ARG B 150 22.72 2.12 2.66
C ARG B 150 22.42 0.76 3.27
N ASP B 151 21.98 -0.18 2.47
CA ASP B 151 21.56 -1.48 2.96
C ASP B 151 22.70 -2.48 3.02
N ARG B 152 23.91 -2.04 2.66
CA ARG B 152 25.11 -2.88 2.75
C ARG B 152 25.00 -4.15 1.93
N LEU B 153 24.46 -4.04 0.71
CA LEU B 153 24.61 -5.14 -0.24
C LEU B 153 26.07 -5.34 -0.59
N GLY B 154 26.81 -4.24 -0.70
CA GLY B 154 28.22 -4.23 -1.03
C GLY B 154 28.73 -2.83 -0.80
N PRO B 155 30.05 -2.63 -0.94
CA PRO B 155 30.61 -1.29 -0.70
C PRO B 155 30.28 -0.28 -1.78
N ALA B 156 29.92 -0.72 -2.97
CA ALA B 156 29.56 0.17 -4.07
C ALA B 156 28.47 -0.50 -4.89
N PRO B 157 27.66 0.28 -5.61
CA PRO B 157 26.62 -0.33 -6.45
C PRO B 157 27.20 -1.37 -7.41
N GLY B 158 26.50 -2.50 -7.53
CA GLY B 158 26.90 -3.59 -8.38
C GLY B 158 27.77 -4.62 -7.70
N GLN B 159 28.37 -4.28 -6.56
CA GLN B 159 29.26 -5.15 -5.82
C GLN B 159 28.54 -5.81 -4.65
N PHE B 160 28.93 -7.03 -4.37
CA PHE B 160 28.39 -7.76 -3.24
C PHE B 160 29.49 -8.19 -2.29
N PHE B 161 29.24 -8.02 -1.00
CA PHE B 161 30.17 -8.54 -0.04
C PHE B 161 30.30 -10.07 -0.15
N GLU B 162 31.48 -10.58 0.15
CA GLU B 162 31.64 -12.01 0.19
C GLU B 162 30.66 -12.62 1.16
N ASN B 163 30.16 -13.78 0.83
CA ASN B 163 29.21 -14.48 1.71
C ASN B 163 27.85 -13.83 1.88
N SER B 164 27.56 -12.90 1.00
CA SER B 164 26.27 -12.23 1.01
C SER B 164 25.08 -13.11 1.07
N GLN B 165 24.11 -12.70 1.90
CA GLN B 165 22.86 -13.39 1.98
C GLN B 165 21.77 -12.64 1.19
N PHE B 166 22.16 -11.60 0.44
CA PHE B 166 21.15 -10.96 -0.39
C PHE B 166 20.64 -11.93 -1.43
N PRO B 167 19.33 -11.90 -1.76
CA PRO B 167 18.81 -12.74 -2.84
C PRO B 167 19.21 -12.24 -4.22
N ARG B 168 20.46 -12.51 -4.56
CA ARG B 168 21.08 -12.00 -5.78
C ARG B 168 20.30 -12.44 -7.01
N GLY B 169 20.15 -11.52 -7.97
CA GLY B 169 19.33 -11.74 -9.14
C GLY B 169 17.97 -11.09 -9.05
N TYR B 170 17.55 -10.69 -7.85
CA TYR B 170 16.24 -10.09 -7.63
C TYR B 170 16.39 -8.62 -7.22
N GLU B 171 17.44 -7.98 -7.73
CA GLU B 171 17.67 -6.57 -7.45
C GLU B 171 16.50 -5.70 -7.90
N ASP B 172 15.93 -5.98 -9.08
CA ASP B 172 14.81 -5.18 -9.56
C ASP B 172 13.63 -5.26 -8.59
N ASN B 173 13.27 -6.49 -8.18
CA ASN B 173 12.19 -6.68 -7.21
C ASN B 173 12.45 -5.89 -5.94
N TYR B 174 13.68 -5.95 -5.44
CA TYR B 174 14.04 -5.33 -4.18
C TYR B 174 13.92 -3.82 -4.25
N PHE B 175 14.59 -3.19 -5.22
CA PHE B 175 14.58 -1.74 -5.25
C PHE B 175 13.21 -1.18 -5.63
N LYS B 176 12.38 -1.97 -6.30
CA LYS B 176 11.03 -1.51 -6.65
C LYS B 176 10.14 -1.32 -5.43
N GLU B 177 10.47 -1.91 -4.29
CA GLU B 177 9.64 -1.80 -3.09
C GLU B 177 9.86 -0.49 -2.35
N MET B 178 10.80 0.35 -2.79
CA MET B 178 11.24 1.54 -2.07
C MET B 178 10.70 2.80 -2.70
N GLY B 179 10.39 3.80 -1.87
CA GLY B 179 9.96 5.06 -2.41
C GLY B 179 10.11 6.21 -1.43
N PHE B 180 9.57 7.35 -1.83
CA PHE B 180 9.69 8.58 -1.06
C PHE B 180 8.72 8.59 0.12
N SER B 181 9.04 9.43 1.11
CA SER B 181 8.14 9.73 2.21
C SER B 181 7.86 11.24 2.25
N PRO B 182 6.59 11.66 2.24
CA PRO B 182 6.30 13.07 2.44
C PRO B 182 6.66 13.50 3.86
N SER B 183 6.77 14.82 4.05
CA SER B 183 7.29 15.39 5.29
C SER B 183 6.28 15.40 6.45
N ILE B 184 5.52 14.31 6.62
CA ILE B 184 4.65 14.19 7.79
C ILE B 184 5.51 14.22 9.04
N SER B 185 5.04 14.93 10.06
CA SER B 185 5.80 15.01 11.29
C SER B 185 5.92 13.64 11.95
N SER B 186 7.09 13.37 12.53
CA SER B 186 7.28 12.12 13.26
C SER B 186 6.30 12.00 14.43
N ASP B 187 5.92 13.12 15.05
CA ASP B 187 4.89 13.08 16.10
C ASP B 187 3.62 12.40 15.62
N GLU B 188 3.20 12.69 14.39
CA GLU B 188 1.94 12.14 13.91
C GLU B 188 2.07 10.69 13.50
N ILE B 189 3.27 10.28 13.07
CA ILE B 189 3.51 8.87 12.79
C ILE B 189 3.48 8.09 14.09
N VAL B 190 4.18 8.59 15.12
CA VAL B 190 4.16 7.96 16.43
C VAL B 190 2.73 7.90 16.97
N ASP B 191 1.97 8.98 16.80
CA ASP B 191 0.60 9.01 17.30
C ASP B 191 -0.26 7.90 16.71
N ALA B 192 -0.12 7.63 15.40
CA ALA B 192 -0.93 6.59 14.79
C ALA B 192 -0.63 5.23 15.38
N VAL B 193 0.65 4.95 15.63
CA VAL B 193 1.01 3.65 16.15
C VAL B 193 0.64 3.53 17.64
N VAL B 194 0.76 4.62 18.42
CA VAL B 194 0.24 4.57 19.79
C VAL B 194 -1.24 4.19 19.78
N LYS B 195 -2.02 4.76 18.85
CA LYS B 195 -3.44 4.44 18.78
C LYS B 195 -3.65 2.97 18.40
N LEU B 196 -2.85 2.46 17.47
CA LEU B 196 -2.94 1.04 17.14
C LEU B 196 -2.65 0.17 18.37
N VAL B 197 -1.60 0.52 19.12
CA VAL B 197 -1.23 -0.27 20.30
C VAL B 197 -2.36 -0.23 21.33
N THR B 198 -3.00 0.93 21.49
CA THR B 198 -4.17 0.98 22.37
C THR B 198 -5.26 0.05 21.86
N HIS B 199 -5.43 -0.03 20.53
CA HIS B 199 -6.51 -0.82 19.96
C HIS B 199 -6.27 -2.32 20.12
N ILE B 200 -5.02 -2.77 20.05
CA ILE B 200 -4.78 -4.21 20.02
C ILE B 200 -4.45 -4.80 21.39
N GLY B 201 -4.03 -3.98 22.35
CA GLY B 201 -3.65 -4.47 23.65
C GLY B 201 -2.16 -4.81 23.70
N PRO B 202 -1.75 -5.53 24.74
CA PRO B 202 -0.34 -5.92 24.88
C PRO B 202 0.20 -6.58 23.62
N CYS B 203 1.40 -6.16 23.22
CA CYS B 203 1.96 -6.51 21.92
C CYS B 203 3.48 -6.31 21.95
N VAL B 204 4.12 -6.78 20.88
CA VAL B 204 5.56 -6.61 20.68
C VAL B 204 5.75 -5.82 19.40
N LEU B 205 6.61 -4.80 19.43
CA LEU B 205 6.95 -4.05 18.23
C LEU B 205 8.21 -4.64 17.61
N VAL B 206 8.16 -4.90 16.31
CA VAL B 206 9.34 -5.33 15.56
C VAL B 206 9.58 -4.25 14.52
N THR B 207 10.68 -3.51 14.68
CA THR B 207 10.94 -2.32 13.87
C THR B 207 12.18 -2.53 13.00
N HIS B 208 12.46 -1.53 12.18
CA HIS B 208 13.46 -1.66 11.13
C HIS B 208 13.97 -0.29 10.78
N ALA B 209 15.28 -0.08 10.91
CA ALA B 209 15.90 1.13 10.39
C ALA B 209 15.17 2.39 10.85
N ALA B 210 14.53 3.13 9.92
CA ALA B 210 13.91 4.39 10.29
C ALA B 210 12.81 4.24 11.35
N SER B 211 12.15 3.08 11.43
CA SER B 211 11.11 2.98 12.46
C SER B 211 11.67 2.62 13.82
N GLY B 212 12.98 2.34 13.91
CA GLY B 212 13.57 2.04 15.20
C GLY B 212 13.32 3.12 16.23
N VAL B 213 13.73 4.36 15.95
CA VAL B 213 13.55 5.42 16.94
C VAL B 213 12.07 5.68 17.18
N LEU B 214 11.24 5.53 16.14
CA LEU B 214 9.81 5.73 16.29
C LEU B 214 9.19 4.69 17.21
N GLY B 215 9.64 3.44 17.11
CA GLY B 215 9.15 2.41 18.02
C GLY B 215 9.55 2.64 19.46
N MET B 216 10.80 3.07 19.68
CA MET B 216 11.21 3.45 21.03
C MET B 216 10.29 4.53 21.59
N ARG B 217 10.00 5.55 20.78
CA ARG B 217 9.09 6.61 21.20
C ARG B 217 7.71 6.07 21.53
N VAL B 218 7.16 5.20 20.67
CA VAL B 218 5.86 4.62 20.95
C VAL B 218 5.85 3.93 22.31
N ALA B 219 6.90 3.17 22.62
CA ALA B 219 6.94 2.43 23.87
C ALA B 219 6.88 3.37 25.07
N THR B 220 7.50 4.55 24.96
CA THR B 220 7.47 5.47 26.10
C THR B 220 6.08 6.07 26.32
N HIS B 221 5.20 5.98 25.32
CA HIS B 221 3.84 6.51 25.40
C HIS B 221 2.79 5.43 25.54
N ALA B 222 3.17 4.15 25.47
CA ALA B 222 2.18 3.07 25.39
C ALA B 222 2.68 1.87 26.21
N LYS B 223 2.11 1.70 27.41
CA LYS B 223 2.54 0.59 28.26
C LYS B 223 2.19 -0.78 27.67
N ASN B 224 1.30 -0.82 26.67
CA ASN B 224 0.99 -2.10 26.03
C ASN B 224 2.16 -2.64 25.22
N VAL B 225 3.15 -1.81 24.89
CA VAL B 225 4.32 -2.36 24.22
C VAL B 225 5.11 -3.13 25.25
N ARG B 226 5.17 -4.45 25.10
N ARG B 226 5.19 -4.45 25.10
CA ARG B 226 5.80 -5.32 26.09
CA ARG B 226 5.81 -5.31 26.09
C ARG B 226 7.20 -5.77 25.67
C ARG B 226 7.20 -5.77 25.67
N GLY B 227 7.65 -5.38 24.48
CA GLY B 227 8.97 -5.74 24.03
C GLY B 227 9.22 -5.07 22.69
N ILE B 228 10.50 -4.89 22.39
CA ILE B 228 10.93 -4.31 21.12
C ILE B 228 12.07 -5.14 20.57
N VAL B 229 11.98 -5.52 19.30
CA VAL B 229 13.11 -6.01 18.52
C VAL B 229 13.29 -5.05 17.36
N ALA B 230 14.46 -4.43 17.27
CA ALA B 230 14.72 -3.40 16.25
C ALA B 230 15.85 -3.87 15.34
N TYR B 231 15.53 -4.08 14.06
CA TYR B 231 16.53 -4.46 13.07
C TYR B 231 17.20 -3.22 12.52
N GLU B 232 18.51 -3.12 12.73
CA GLU B 232 19.33 -2.06 12.17
C GLU B 232 18.74 -0.65 12.35
N PRO B 233 18.44 -0.23 13.57
CA PRO B 233 17.81 1.08 13.78
C PRO B 233 18.71 2.21 13.29
N ALA B 234 18.08 3.23 12.71
CA ALA B 234 18.84 4.27 12.03
C ALA B 234 19.14 5.49 12.90
N THR B 235 18.33 5.78 13.91
CA THR B 235 18.54 6.95 14.76
C THR B 235 18.58 6.51 16.22
N SER B 236 19.57 7.00 16.98
CA SER B 236 19.73 6.67 18.39
C SER B 236 18.84 7.57 19.24
N ILE B 237 18.62 7.14 20.49
CA ILE B 237 17.76 7.89 21.40
C ILE B 237 18.42 7.93 22.79
N PHE B 238 18.35 9.09 23.43
CA PHE B 238 18.98 9.34 24.71
C PHE B 238 18.11 10.22 25.58
N PRO B 239 18.35 10.25 26.89
CA PRO B 239 17.68 11.25 27.73
C PRO B 239 18.14 12.65 27.36
N LYS B 240 17.22 13.61 27.45
CA LYS B 240 17.53 14.99 27.10
C LYS B 240 18.74 15.49 27.88
N GLY B 241 19.68 16.10 27.16
CA GLY B 241 20.89 16.63 27.76
C GLY B 241 21.94 15.61 28.13
N LYS B 242 21.73 14.33 27.82
CA LYS B 242 22.66 13.27 28.19
C LYS B 242 23.15 12.50 26.97
N VAL B 243 23.23 13.16 25.82
CA VAL B 243 23.80 12.55 24.62
C VAL B 243 25.30 12.46 24.83
N PRO B 244 25.89 11.26 24.74
CA PRO B 244 27.34 11.14 24.91
C PRO B 244 28.09 11.72 23.73
N GLU B 245 29.41 11.82 23.91
CA GLU B 245 30.26 12.23 22.81
C GLU B 245 30.24 11.15 21.73
N ILE B 246 29.95 11.55 20.50
CA ILE B 246 29.87 10.65 19.37
C ILE B 246 30.79 11.21 18.29
N PRO B 247 31.76 10.44 17.80
CA PRO B 247 32.74 11.01 16.88
C PRO B 247 32.12 11.31 15.54
N PRO B 248 32.66 12.26 14.79
CA PRO B 248 32.25 12.41 13.39
C PRO B 248 32.76 11.24 12.56
N LEU B 249 32.27 11.16 11.33
CA LEU B 249 32.67 10.08 10.43
C LEU B 249 34.11 10.28 9.98
N ALA B 250 34.65 9.24 9.34
CA ALA B 250 36.05 9.24 8.92
C ALA B 250 36.37 10.33 7.90
N ASP B 251 35.36 10.86 7.16
CA ASP B 251 35.61 11.95 6.22
C ASP B 251 35.80 13.31 6.91
N LYS B 252 35.82 13.32 8.24
CA LYS B 252 36.12 14.48 9.09
C LYS B 252 35.02 15.52 9.06
N LYS B 253 33.97 15.33 8.26
CA LYS B 253 33.00 16.39 8.02
C LYS B 253 31.57 15.94 8.29
N SER B 254 31.26 14.67 8.05
CA SER B 254 29.90 14.21 8.27
C SER B 254 29.70 13.70 9.69
N GLN B 255 28.44 13.65 10.10
CA GLN B 255 28.02 13.09 11.36
C GLN B 255 26.86 12.13 11.11
N ILE B 256 26.61 11.25 12.07
CA ILE B 256 25.43 10.38 12.01
C ILE B 256 24.18 11.22 12.24
N PHE B 257 23.01 10.57 12.27
CA PHE B 257 21.78 11.32 12.48
C PHE B 257 21.77 11.89 13.89
N PRO B 258 21.41 13.16 14.07
CA PRO B 258 21.29 13.73 15.43
C PRO B 258 20.42 12.84 16.31
N PRO B 259 20.95 12.34 17.43
CA PRO B 259 20.15 11.47 18.29
C PRO B 259 18.91 12.17 18.80
N PHE B 260 17.82 11.42 18.89
CA PHE B 260 16.59 11.94 19.45
C PHE B 260 16.68 11.97 20.97
N GLU B 261 16.25 13.08 21.57
CA GLU B 261 16.33 13.27 23.01
C GLU B 261 14.92 13.38 23.58
N ILE B 262 14.64 12.60 24.63
CA ILE B 262 13.35 12.66 25.30
C ILE B 262 13.59 12.90 26.78
N GLN B 263 12.56 13.42 27.43
CA GLN B 263 12.65 13.68 28.85
C GLN B 263 12.90 12.39 29.63
N GLU B 264 13.63 12.52 30.75
CA GLU B 264 14.12 11.35 31.46
C GLU B 264 12.97 10.46 31.95
N SER B 265 11.86 11.08 32.35
CA SER B 265 10.75 10.28 32.86
C SER B 265 10.18 9.38 31.78
N TYR B 266 10.22 9.83 30.52
CA TYR B 266 9.79 8.97 29.41
C TYR B 266 10.88 7.96 29.06
N PHE B 267 12.15 8.40 29.00
CA PHE B 267 13.24 7.48 28.69
C PHE B 267 13.24 6.30 29.65
N LYS B 268 12.94 6.52 30.93
CA LYS B 268 12.97 5.44 31.90
C LYS B 268 11.93 4.37 31.64
N LYS B 269 10.88 4.66 30.86
CA LYS B 269 9.91 3.62 30.52
C LYS B 269 10.55 2.53 29.66
N LEU B 270 11.61 2.87 28.93
CA LEU B 270 12.30 1.87 28.14
C LEU B 270 13.03 0.85 29.01
N ALA B 271 13.29 1.15 30.28
CA ALA B 271 13.97 0.18 31.13
C ALA B 271 13.03 -0.90 31.65
N LYS B 272 11.73 -0.82 31.36
CA LYS B 272 10.75 -1.72 31.94
C LYS B 272 10.39 -2.89 31.04
N ILE B 273 10.91 -2.92 29.81
CA ILE B 273 10.58 -3.98 28.84
C ILE B 273 11.85 -4.52 28.20
N PRO B 274 11.84 -5.77 27.73
CA PRO B 274 12.99 -6.29 26.99
C PRO B 274 13.11 -5.62 25.62
N ILE B 275 14.33 -5.22 25.28
CA ILE B 275 14.63 -4.52 24.03
C ILE B 275 15.88 -5.16 23.42
N GLN B 276 15.80 -5.54 22.15
CA GLN B 276 16.94 -6.11 21.45
C GLN B 276 17.13 -5.36 20.14
N PHE B 277 18.35 -4.87 19.92
CA PHE B 277 18.74 -4.32 18.62
C PHE B 277 19.52 -5.39 17.85
N VAL B 278 19.19 -5.58 16.58
CA VAL B 278 19.79 -6.64 15.76
C VAL B 278 20.52 -6.01 14.58
N PHE B 279 21.79 -6.38 14.39
CA PHE B 279 22.58 -5.87 13.27
C PHE B 279 23.10 -7.02 12.42
N GLY B 280 23.08 -6.79 11.10
CA GLY B 280 23.66 -7.70 10.12
C GLY B 280 25.17 -7.58 10.06
N ASP B 281 25.71 -7.97 8.90
CA ASP B 281 27.16 -8.14 8.74
C ASP B 281 27.76 -6.92 8.02
N ASN B 282 29.09 -6.90 7.98
CA ASN B 282 29.89 -5.97 7.18
C ASN B 282 29.82 -4.53 7.66
N ILE B 283 29.48 -4.31 8.93
CA ILE B 283 29.68 -3.00 9.55
C ILE B 283 31.13 -2.97 9.98
N PRO B 284 31.93 -2.00 9.53
CA PRO B 284 33.36 -2.03 9.84
C PRO B 284 33.65 -1.72 11.30
N LYS B 285 34.75 -2.30 11.79
CA LYS B 285 35.22 -1.95 13.13
C LYS B 285 36.02 -0.66 13.14
N ASN B 286 36.73 -0.36 12.07
CA ASN B 286 37.62 0.77 11.98
C ASN B 286 37.10 1.81 11.00
N PRO B 287 37.55 3.07 11.11
CA PRO B 287 37.12 4.10 10.15
C PRO B 287 37.32 3.67 8.71
N LYS B 288 36.33 4.00 7.86
CA LYS B 288 36.33 3.61 6.45
C LYS B 288 35.98 4.85 5.63
N SER B 289 36.98 5.69 5.37
CA SER B 289 36.72 6.95 4.67
C SER B 289 36.29 6.75 3.22
N ALA B 290 36.61 5.60 2.61
CA ALA B 290 36.27 5.42 1.21
C ALA B 290 34.81 5.04 1.00
N TYR B 291 34.09 4.64 2.04
CA TYR B 291 32.73 4.11 1.89
C TYR B 291 31.85 4.76 2.95
N TRP B 292 31.21 5.87 2.55
CA TRP B 292 30.51 6.73 3.51
C TRP B 292 29.49 5.95 4.32
N PHE B 293 28.67 5.12 3.69
CA PHE B 293 27.59 4.51 4.46
C PHE B 293 28.10 3.37 5.34
N LEU B 294 29.19 2.72 4.98
CA LEU B 294 29.79 1.74 5.89
C LEU B 294 30.32 2.44 7.14
N ASP B 295 30.98 3.58 6.96
CA ASP B 295 31.45 4.34 8.11
C ASP B 295 30.29 4.89 8.92
N TRP B 296 29.24 5.35 8.24
CA TRP B 296 28.05 5.81 8.94
C TRP B 296 27.48 4.71 9.84
N TRP B 297 27.41 3.48 9.33
CA TRP B 297 26.86 2.39 10.15
C TRP B 297 27.77 2.06 11.33
N ARG B 298 29.08 2.16 11.15
CA ARG B 298 30.01 1.95 12.27
C ARG B 298 29.69 2.90 13.43
N VAL B 299 29.58 4.19 13.14
CA VAL B 299 29.37 5.15 14.22
C VAL B 299 27.94 5.08 14.73
N THR B 300 26.97 4.79 13.85
CA THR B 300 25.59 4.66 14.29
C THR B 300 25.41 3.46 15.21
N ARG B 301 26.03 2.33 14.88
CA ARG B 301 25.97 1.18 15.78
C ARG B 301 26.62 1.50 17.13
N TYR B 302 27.73 2.24 17.10
CA TYR B 302 28.38 2.68 18.33
C TYR B 302 27.43 3.52 19.18
N ALA B 303 26.78 4.51 18.56
CA ALA B 303 25.81 5.33 19.29
C ALA B 303 24.70 4.46 19.89
N HIS B 304 24.22 3.46 19.15
CA HIS B 304 23.20 2.58 19.72
C HIS B 304 23.72 1.81 20.92
N SER B 305 24.98 1.36 20.87
CA SER B 305 25.53 0.64 22.01
C SER B 305 25.52 1.51 23.26
N LEU B 306 25.77 2.81 23.10
CA LEU B 306 25.72 3.73 24.23
C LEU B 306 24.28 3.97 24.69
N SER B 307 23.34 4.01 23.74
CA SER B 307 21.94 4.19 24.11
C SER B 307 21.43 2.99 24.91
N LEU B 308 21.77 1.78 24.48
CA LEU B 308 21.38 0.59 25.22
C LEU B 308 22.04 0.56 26.59
N GLU B 309 23.29 1.04 26.69
CA GLU B 309 23.95 1.07 27.99
C GLU B 309 23.24 2.03 28.93
N ALA B 310 22.76 3.17 28.41
CA ALA B 310 22.03 4.12 29.24
C ALA B 310 20.72 3.52 29.73
N ILE B 311 20.01 2.82 28.85
CA ILE B 311 18.81 2.08 29.28
C ILE B 311 19.16 1.07 30.40
N ASN B 312 20.26 0.35 30.27
CA ASN B 312 20.63 -0.69 31.27
C ASN B 312 21.11 -0.08 32.62
N LYS B 313 21.68 1.10 32.56
CA LYS B 313 22.10 1.78 33.80
C LYS B 313 20.89 2.25 34.60
N LEU B 314 19.74 2.31 33.96
CA LEU B 314 18.49 2.68 34.63
C LEU B 314 17.67 1.44 34.99
N GLY B 315 18.28 0.26 34.91
CA GLY B 315 17.61 -0.97 35.31
C GLY B 315 16.97 -1.78 34.23
N GLY B 316 17.31 -1.41 33.01
CA GLY B 316 16.76 -2.08 31.87
C GLY B 316 17.17 -3.44 31.45
N GLN B 317 16.61 -3.89 30.33
CA GLN B 317 16.87 -5.20 29.80
C GLN B 317 17.14 -5.02 28.29
N ALA B 318 18.17 -4.28 27.95
CA ALA B 318 18.48 -3.92 26.57
C ALA B 318 19.71 -4.68 26.11
N SER B 319 19.67 -5.18 24.89
CA SER B 319 20.80 -5.96 24.38
C SER B 319 20.99 -5.69 22.90
N LEU B 320 22.23 -5.93 22.46
CA LEU B 320 22.62 -5.79 21.07
C LEU B 320 23.02 -7.16 20.56
N LEU B 321 22.36 -7.62 19.50
CA LEU B 321 22.69 -8.89 18.86
C LEU B 321 23.32 -8.61 17.50
N ASP B 322 24.60 -8.93 17.36
CA ASP B 322 25.27 -8.94 16.07
C ASP B 322 25.09 -10.32 15.46
N LEU B 323 24.37 -10.40 14.34
CA LEU B 323 24.09 -11.69 13.74
C LEU B 323 25.34 -12.54 13.49
N PRO B 324 26.49 -11.98 13.09
CA PRO B 324 27.68 -12.83 12.94
C PRO B 324 28.11 -13.52 14.22
N THR B 325 27.94 -12.88 15.38
CA THR B 325 28.27 -13.55 16.63
C THR B 325 27.34 -14.73 16.91
N ALA B 326 26.12 -14.70 16.36
CA ALA B 326 25.20 -15.83 16.49
C ALA B 326 25.43 -16.90 15.44
N GLY B 327 26.47 -16.75 14.61
CA GLY B 327 26.79 -17.73 13.59
C GLY B 327 26.19 -17.47 12.22
N LEU B 328 25.59 -16.30 12.00
CA LEU B 328 24.98 -15.97 10.71
C LEU B 328 25.86 -14.94 10.02
N ARG B 329 26.45 -15.31 8.88
CA ARG B 329 27.33 -14.44 8.14
C ARG B 329 26.63 -13.89 6.90
N GLY B 330 26.91 -12.65 6.57
CA GLY B 330 26.53 -12.10 5.28
C GLY B 330 25.21 -11.35 5.23
N ASN B 331 24.58 -11.08 6.37
CA ASN B 331 23.30 -10.40 6.31
C ASN B 331 23.46 -8.94 5.90
N THR B 332 22.51 -8.48 5.09
CA THR B 332 22.35 -7.07 4.76
C THR B 332 21.62 -6.38 5.91
N ALA B 333 21.25 -5.12 5.69
CA ALA B 333 20.47 -4.31 6.61
C ALA B 333 18.99 -4.70 6.60
N PHE B 334 18.58 -5.65 5.76
CA PHE B 334 17.23 -6.23 5.79
C PHE B 334 17.35 -7.72 6.09
N PRO B 335 17.79 -8.12 7.29
CA PRO B 335 18.07 -9.55 7.50
C PRO B 335 16.82 -10.43 7.38
N PHE B 336 15.64 -9.86 7.61
CA PHE B 336 14.37 -10.57 7.57
C PHE B 336 13.89 -10.85 6.14
N THR B 337 14.58 -10.34 5.11
CA THR B 337 14.31 -10.79 3.75
C THR B 337 15.53 -11.41 3.07
N ASP B 338 16.64 -11.56 3.78
CA ASP B 338 17.81 -12.23 3.22
C ASP B 338 17.56 -13.73 3.05
N ARG B 339 18.51 -14.43 2.43
CA ARG B 339 18.36 -15.87 2.13
C ARG B 339 18.28 -16.75 3.37
N ASN B 340 18.82 -16.26 4.48
CA ASN B 340 18.78 -16.98 5.74
C ASN B 340 17.74 -16.43 6.72
N ASN B 341 16.71 -15.84 6.15
CA ASN B 341 15.72 -15.24 7.01
C ASN B 341 14.99 -16.17 7.98
N VAL B 342 14.98 -17.45 7.67
CA VAL B 342 14.36 -18.43 8.55
C VAL B 342 15.20 -18.57 9.82
N GLN B 343 16.50 -18.49 9.62
CA GLN B 343 17.39 -18.54 10.77
C GLN B 343 17.33 -17.24 11.56
N VAL B 344 17.13 -16.13 10.88
CA VAL B 344 16.93 -14.85 11.59
C VAL B 344 15.62 -14.89 12.37
N ALA B 345 14.59 -15.46 11.74
CA ALA B 345 13.32 -15.60 12.46
C ALA B 345 13.48 -16.48 13.69
N SER B 346 14.32 -17.52 13.60
CA SER B 346 14.52 -18.38 14.76
C SER B 346 15.09 -17.61 15.94
N LEU B 347 16.00 -16.66 15.67
CA LEU B 347 16.54 -15.84 16.74
C LEU B 347 15.49 -14.91 17.33
N LEU B 348 14.53 -14.47 16.52
CA LEU B 348 13.44 -13.66 17.07
C LEU B 348 12.52 -14.52 17.93
N SER B 349 12.16 -15.72 17.46
CA SER B 349 11.42 -16.67 18.29
C SER B 349 12.13 -16.92 19.62
N ASP B 350 13.46 -17.05 19.58
CA ASP B 350 14.23 -17.26 20.82
C ASP B 350 14.04 -16.11 21.80
N PHE B 351 14.10 -14.86 21.31
CA PHE B 351 13.90 -13.70 22.15
C PHE B 351 12.49 -13.70 22.75
N LEU B 352 11.49 -13.96 21.92
CA LEU B 352 10.12 -14.00 22.42
C LEU B 352 9.94 -15.09 23.46
N GLY B 353 10.56 -16.25 23.24
CA GLY B 353 10.44 -17.33 24.21
C GLY B 353 11.13 -17.04 25.53
N LYS B 354 12.31 -16.40 25.46
CA LYS B 354 13.07 -16.08 26.67
C LYS B 354 12.28 -15.19 27.61
N HIS B 355 11.46 -14.30 27.06
CA HIS B 355 10.72 -13.35 27.88
C HIS B 355 9.25 -13.72 28.03
N GLY B 356 8.87 -14.93 27.64
CA GLY B 356 7.50 -15.40 27.82
C GLY B 356 6.50 -14.77 26.90
N LEU B 357 6.96 -14.05 25.87
CA LEU B 357 6.07 -13.36 24.96
C LEU B 357 5.45 -14.29 23.93
N ASP B 358 5.74 -15.58 24.01
CA ASP B 358 5.13 -16.62 23.18
C ASP B 358 4.20 -17.55 24.00
N GLN B 359 3.81 -17.10 25.17
CA GLN B 359 2.94 -17.87 26.03
C GLN B 359 1.75 -17.03 26.46
N ASN B 360 0.63 -17.68 26.71
CA ASN B 360 -0.56 -16.98 27.16
C ASN B 360 -0.63 -16.76 28.69
C4 1MM C . -16.04 9.01 -11.41
C5 1MM C . -16.64 7.91 -10.82
C6 1MM C . -15.85 7.07 -10.07
C1 1MM C . -14.49 7.32 -9.91
C2 1MM C . -13.87 8.43 -10.47
C3 1MM C . -14.69 9.25 -11.22
S7 1MM C . -12.31 8.86 -10.40
N8 1MM C . -11.84 9.37 -11.93
C9 1MM C . -11.81 8.66 -13.07
N10 1MM C . -11.19 9.15 -14.17
C2' 1MM C . -11.23 10.44 -14.54
N1' 1MM C . -11.39 10.82 -15.82
C6' 1MM C . -11.43 12.13 -16.15
N5' 1MM C . -11.28 13.07 -15.21
C4' 1MM C . -11.11 12.69 -13.93
N3' 1MM C . -11.08 11.41 -13.61
O7A 1MM C . -11.43 7.87 -10.00
O7B 1MM C . -12.19 9.94 -9.53
O9 1MM C . -12.33 7.57 -13.16
C11 1MM C . -13.82 6.32 -9.05
O12 1MM C . -14.29 6.29 -7.72
C13 1MM C . -13.79 5.31 -6.83
O11 1MM C . -13.02 5.52 -9.41
O4' 1MM C . -10.96 13.57 -12.93
C5' 1MM C . -11.00 13.06 -11.61
C7' 1MM C . -11.61 12.54 -17.57
O1 TLA D . -35.47 9.52 -11.78
O11 TLA D . -35.48 7.48 -11.05
C1 TLA D . -35.69 8.69 -10.90
C2 TLA D . -36.27 9.14 -9.58
O2 TLA D . -36.38 10.57 -9.58
C3 TLA D . -35.35 8.65 -8.46
O3 TLA D . -34.05 9.15 -8.67
C4 TLA D . -35.81 9.20 -7.15
O4 TLA D . -35.11 10.03 -6.57
O41 TLA D . -36.90 8.80 -6.70
C1 GOL E . -10.93 11.21 -0.85
O1 GOL E . -10.09 11.12 -2.02
C2 GOL E . -10.08 11.65 0.32
O2 GOL E . -9.19 12.70 -0.03
C3 GOL E . -10.98 12.19 1.41
O3 GOL E . -10.19 12.15 2.59
C4 1MM F . 19.65 5.57 7.16
C5 1MM F . 19.67 4.20 7.17
C6 1MM F . 18.53 3.54 6.77
C1 1MM F . 17.41 4.24 6.35
C2 1MM F . 17.37 5.63 6.33
C3 1MM F . 18.53 6.26 6.73
S7 1MM F . 16.14 6.59 5.89
N8 1MM F . 16.20 8.03 6.81
C9 1MM F . 15.96 8.12 8.13
N10 1MM F . 15.79 9.31 8.72
C2' 1MM F . 16.44 10.44 8.37
N1' 1MM F . 16.95 11.28 9.30
C6' 1MM F . 17.61 12.38 8.89
N5' 1MM F . 17.74 12.66 7.60
C4' 1MM F . 17.22 11.83 6.68
N3' 1MM F . 16.57 10.74 7.08
O7A 1MM F . 14.83 6.12 6.04
O7B 1MM F . 16.31 6.95 4.55
O9 1MM F . 15.88 7.14 8.84
C11 1MM F . 16.29 3.39 5.93
O12 1MM F . 16.50 2.34 5.03
C13 1MM F . 15.47 1.38 4.87
O11 1MM F . 15.21 3.43 6.45
O4' 1MM F . 17.31 12.08 5.35
C5' 1MM F . 16.69 11.20 4.43
C7' 1MM F . 18.20 13.32 9.90
C4 1MM G . 34.64 -12.24 -6.66
C5 1MM G . 34.60 -11.65 -5.41
C6 1MM G . 33.38 -11.56 -4.76
C1 1MM G . 32.23 -12.07 -5.34
C2 1MM G . 32.26 -12.66 -6.59
C3 1MM G . 33.49 -12.72 -7.23
S7 1MM G . 30.95 -13.26 -7.32
N8 1MM G . 31.44 -14.39 -8.30
C9 1MM G . 32.05 -15.51 -7.92
N10 1MM G . 32.47 -16.26 -8.93
C2' 1MM G . 33.14 -17.42 -8.90
N1' 1MM G . 33.04 -18.20 -9.99
C6' 1MM G . 33.70 -19.35 -10.04
N5' 1MM G . 34.45 -19.76 -9.01
C4' 1MM G . 34.54 -18.97 -7.91
N3' 1MM G . 33.89 -17.80 -7.87
O7A 1MM G . 30.04 -13.92 -6.45
O7B 1MM G . 30.34 -12.26 -8.11
O9 1MM G . 32.25 -15.79 -6.76
C11 1MM G . 30.97 -11.91 -4.58
O12 1MM G . 30.67 -12.70 -3.45
C13 1MM G . 29.35 -12.46 -2.98
O11 1MM G . 30.14 -11.11 -4.92
O4' 1MM G . 35.28 -19.35 -6.84
C5' 1MM G . 35.98 -20.59 -6.87
C7' 1MM G . 33.57 -20.18 -11.29
O1 TLA H . 36.64 -4.61 5.10
O11 TLA H . 37.26 -6.38 6.26
C1 TLA H . 36.76 -5.24 6.18
C2 TLA H . 36.27 -4.61 7.45
O2 TLA H . 35.46 -3.48 7.11
C3 TLA H . 37.45 -4.18 8.33
O3 TLA H . 38.36 -3.31 7.68
C4 TLA H . 36.90 -3.47 9.52
O4 TLA H . 37.15 -2.26 9.70
O41 TLA H . 36.22 -4.17 10.26
C1 GOL I . 14.89 3.58 -6.09
O1 GOL I . 14.09 3.25 -7.20
C2 GOL I . 13.97 4.04 -4.99
O2 GOL I . 13.69 5.39 -5.30
C3 GOL I . 14.68 3.94 -3.65
O3 GOL I . 14.04 4.84 -2.73
#